data_1H26
#
_entry.id   1H26
#
_cell.length_a   73.667
_cell.length_b   134.035
_cell.length_c   147.936
_cell.angle_alpha   90.00
_cell.angle_beta   90.00
_cell.angle_gamma   90.00
#
_symmetry.space_group_name_H-M   'P 21 21 21'
#
loop_
_entity.id
_entity.type
_entity.pdbx_description
1 polymer 'CELL DIVISION PROTEIN KINASE 2'
2 polymer 'CYCLIN A2'
3 polymer 'CELLULAR TUMOR ANTIGEN P53'
4 water water
#
loop_
_entity_poly.entity_id
_entity_poly.type
_entity_poly.pdbx_seq_one_letter_code
_entity_poly.pdbx_strand_id
1 'polypeptide(L)'
;GPLGSMENFQKVEKIGEGTYGVVYKARNKLTGEVVALKKIRLDTETEGVPSTAIREISLLKELNHPNIVKLLDVIHTENK
LYLVFEFLHQDLKKFMDASALTGIPLPLIKSYLFQLLQGLAFCHSHRVLHRDLKPQNLLINTEGAIKLADFGLARAFGVP
VRTY(TPO)HEVVTLWYRAPEILLGCKYYSTAVDIWSLGCIFAEMVTRRALFPGDSEIDQLFRIFRTLGTPDEVVWPGVT
SMPDYKPSFPKWARQDFSKVVPPLDEDGRSLLSQMLHYDPNKRISAKAALAHPFFQDVTKPVPHLRL
;
A,C
2 'polypeptide(L)'
;EVPDYHEDIHTYLREMEVKCKPKVGYMKKQPDITNSMRAILVDWLVEVGEEYKLQNETLHLAVNYIDRFLSSMSVLRGKL
QLVGTAAMLLASKFEEIYPPEVAEFVYITDDTYTKKQVLRMEHLVLKVLTFDLAAPTVNQFLTQYFLHQQPANCKVESLA
MFLGELSLIDADPYLKYLPSVIAGAAFHLALYTVTGQSWPESLIRKTGYTLESLKPCLMDLHQTYLKAPQHAQQSIREKY
KNSKYHGVSLLNPPETLNL
;
B,D
3 'polypeptide(L)' STSRHKKLMFK E
#
# COMPACT_ATOMS: atom_id res chain seq x y z
N SER A 5 -5.94 36.32 45.85
CA SER A 5 -6.23 35.46 44.61
C SER A 5 -5.73 34.00 44.76
N MET A 6 -4.43 33.89 44.54
CA MET A 6 -3.59 32.91 45.15
C MET A 6 -3.81 32.73 46.63
N GLU A 7 -4.65 33.58 47.22
CA GLU A 7 -4.90 33.55 48.65
C GLU A 7 -5.13 32.12 49.17
N ASN A 8 -6.01 31.38 48.54
CA ASN A 8 -6.29 30.02 48.97
C ASN A 8 -5.27 28.96 48.52
N PHE A 9 -4.24 29.33 47.77
CA PHE A 9 -3.19 28.35 47.46
C PHE A 9 -1.92 28.44 48.31
N GLN A 10 -1.55 27.29 48.87
CA GLN A 10 -0.33 27.15 49.62
C GLN A 10 0.70 26.48 48.71
N LYS A 11 1.76 27.20 48.37
CA LYS A 11 2.77 26.59 47.54
C LYS A 11 3.52 25.52 48.34
N VAL A 12 3.98 24.51 47.62
CA VAL A 12 4.53 23.35 48.24
C VAL A 12 5.96 23.16 47.77
N GLU A 13 6.19 23.30 46.47
CA GLU A 13 7.52 23.09 45.96
C GLU A 13 7.54 23.35 44.43
N LYS A 14 8.69 23.77 43.92
CA LYS A 14 8.85 23.94 42.50
C LYS A 14 8.87 22.53 41.90
N ILE A 15 8.19 22.37 40.76
CA ILE A 15 8.03 21.05 40.13
C ILE A 15 8.88 20.88 38.89
N GLY A 16 9.17 21.99 38.23
CA GLY A 16 9.88 21.97 36.97
C GLY A 16 9.77 23.33 36.36
N GLU A 17 10.39 23.55 35.19
CA GLU A 17 10.52 24.88 34.63
C GLU A 17 10.11 24.86 33.17
N GLY A 18 9.64 26.00 32.69
CA GLY A 18 9.12 26.12 31.34
C GLY A 18 9.81 27.21 30.55
N THR A 19 9.00 28.08 29.93
CA THR A 19 9.47 29.10 28.99
C THR A 19 9.42 30.52 29.59
N TYR A 20 8.22 31.02 29.88
CA TYR A 20 8.05 32.36 30.49
C TYR A 20 7.48 32.28 31.91
N GLY A 21 7.96 31.34 32.71
CA GLY A 21 7.58 31.28 34.12
C GLY A 21 8.02 29.98 34.80
N VAL A 22 7.21 29.48 35.71
CA VAL A 22 7.58 28.27 36.45
C VAL A 22 6.35 27.51 36.86
N VAL A 23 6.51 26.24 37.21
CA VAL A 23 5.40 25.45 37.66
C VAL A 23 5.64 25.04 39.10
N TYR A 24 4.65 25.28 39.97
CA TYR A 24 4.66 24.78 41.35
C TYR A 24 3.54 23.81 41.70
N LYS A 25 3.91 22.85 42.51
CA LYS A 25 2.96 22.07 43.25
C LYS A 25 2.37 22.94 44.33
N ALA A 26 1.05 22.97 44.43
CA ALA A 26 0.43 23.74 45.48
C ALA A 26 -0.88 23.12 45.91
N ARG A 27 -1.42 23.64 47.01
CA ARG A 27 -2.60 23.10 47.55
C ARG A 27 -3.60 24.14 47.95
N ASN A 28 -4.82 23.79 47.61
CA ASN A 28 -5.96 24.60 47.86
C ASN A 28 -6.27 24.41 49.33
N LYS A 29 -6.08 25.46 50.10
CA LYS A 29 -6.22 25.41 51.54
C LYS A 29 -7.62 25.04 52.01
N LEU A 30 -8.61 25.11 51.12
CA LEU A 30 -10.01 25.04 51.48
C LEU A 30 -10.65 23.75 50.97
N THR A 31 -10.25 23.31 49.78
CA THR A 31 -10.80 22.07 49.25
C THR A 31 -9.88 20.90 49.54
N GLY A 32 -8.62 21.21 49.78
CA GLY A 32 -7.57 20.21 49.85
C GLY A 32 -6.91 19.92 48.50
N GLU A 33 -7.48 20.36 47.41
CA GLU A 33 -6.99 19.86 46.14
C GLU A 33 -5.51 20.22 45.97
N VAL A 34 -4.73 19.25 45.52
CA VAL A 34 -3.36 19.53 45.16
C VAL A 34 -3.35 19.89 43.67
N VAL A 35 -2.75 21.03 43.34
CA VAL A 35 -2.68 21.45 41.96
C VAL A 35 -1.24 21.79 41.51
N ALA A 36 -1.05 22.03 40.20
CA ALA A 36 0.14 22.67 39.63
C ALA A 36 -0.14 24.09 39.14
N LEU A 37 0.61 25.06 39.63
CA LEU A 37 0.49 26.41 39.14
C LEU A 37 1.61 26.69 38.18
N LYS A 38 1.21 27.19 37.03
CA LYS A 38 2.10 27.56 35.97
C LYS A 38 2.04 29.05 36.02
N LYS A 39 3.12 29.66 36.49
CA LYS A 39 3.17 31.10 36.70
C LYS A 39 3.74 31.69 35.42
N ILE A 40 3.00 32.61 34.80
CA ILE A 40 3.43 33.31 33.58
C ILE A 40 3.69 34.78 33.88
N ARG A 41 4.92 35.23 33.63
CA ARG A 41 5.31 36.61 33.95
C ARG A 41 4.93 37.58 32.81
N LEU A 42 4.32 38.71 33.17
CA LEU A 42 3.79 39.64 32.19
C LEU A 42 4.61 40.94 32.10
N ASP A 43 4.46 41.77 33.14
CA ASP A 43 4.87 43.17 33.09
C ASP A 43 4.09 43.91 31.99
N THR A 44 4.77 44.82 31.29
CA THR A 44 4.15 45.64 30.25
C THR A 44 5.33 46.18 29.48
N GLU A 45 5.08 46.97 28.44
CA GLU A 45 6.17 47.41 27.56
C GLU A 45 6.78 46.17 26.88
N THR A 46 6.17 45.01 27.11
CA THR A 46 6.63 43.79 26.46
C THR A 46 5.81 43.63 25.18
N GLU A 47 5.30 42.43 24.94
CA GLU A 47 4.34 42.23 23.89
C GLU A 47 3.03 41.74 24.49
N GLY A 48 2.92 41.88 25.80
CA GLY A 48 1.71 41.55 26.53
C GLY A 48 1.66 40.07 26.89
N VAL A 49 0.46 39.51 26.82
CA VAL A 49 0.28 38.08 26.99
C VAL A 49 0.82 37.28 25.82
N PRO A 50 1.79 36.44 26.14
CA PRO A 50 2.52 35.65 25.17
C PRO A 50 1.62 34.80 24.29
N SER A 51 1.87 34.77 23.00
CA SER A 51 1.02 33.93 22.18
C SER A 51 0.96 32.47 22.68
N THR A 52 2.02 31.94 23.29
CA THR A 52 1.99 30.52 23.69
C THR A 52 0.94 30.33 24.77
N ALA A 53 0.85 31.31 25.66
CA ALA A 53 -0.08 31.20 26.74
C ALA A 53 -1.53 31.39 26.24
N ILE A 54 -1.69 32.30 25.29
CA ILE A 54 -3.01 32.52 24.67
C ILE A 54 -3.52 31.23 24.05
N ARG A 55 -2.68 30.53 23.27
CA ARG A 55 -3.10 29.29 22.64
C ARG A 55 -3.28 28.17 23.66
N GLU A 56 -2.41 28.07 24.63
CA GLU A 56 -2.54 27.01 25.62
C GLU A 56 -3.93 27.07 26.36
N ILE A 57 -4.24 28.27 26.84
CA ILE A 57 -5.43 28.51 27.60
C ILE A 57 -6.68 28.31 26.78
N SER A 58 -6.74 28.92 25.60
CA SER A 58 -7.95 28.82 24.81
C SER A 58 -8.19 27.41 24.31
N LEU A 59 -7.12 26.74 23.94
CA LEU A 59 -7.26 25.42 23.44
C LEU A 59 -7.55 24.47 24.56
N LEU A 60 -6.98 24.70 25.71
CA LEU A 60 -7.21 23.78 26.79
C LEU A 60 -8.59 23.93 27.46
N LYS A 61 -9.22 25.09 27.41
CA LYS A 61 -10.58 25.17 27.90
C LYS A 61 -11.53 24.39 27.02
N GLU A 62 -11.18 24.19 25.76
CA GLU A 62 -12.02 23.44 24.88
C GLU A 62 -11.79 21.89 24.98
N LEU A 63 -10.78 21.42 25.69
CA LEU A 63 -10.44 20.01 25.64
C LEU A 63 -10.50 19.34 26.98
N ASN A 64 -11.67 18.96 27.33
CA ASN A 64 -11.86 18.33 28.58
C ASN A 64 -12.01 16.84 28.27
N HIS A 65 -11.05 16.06 28.72
CA HIS A 65 -10.92 14.69 28.33
C HIS A 65 -10.03 14.00 29.40
N PRO A 66 -10.38 12.81 29.84
CA PRO A 66 -9.60 12.15 30.91
C PRO A 66 -8.10 11.91 30.63
N ASN A 67 -7.62 12.04 29.39
CA ASN A 67 -6.20 11.85 29.06
C ASN A 67 -5.58 13.17 28.50
N ILE A 68 -6.23 14.27 28.84
CA ILE A 68 -5.66 15.56 28.62
C ILE A 68 -5.58 16.25 29.98
N VAL A 69 -4.40 16.64 30.42
CA VAL A 69 -4.35 17.53 31.58
C VAL A 69 -5.47 18.60 31.62
N LYS A 70 -6.13 18.64 32.75
CA LYS A 70 -7.21 19.60 32.92
C LYS A 70 -6.73 20.97 33.42
N LEU A 71 -7.05 22.00 32.66
CA LEU A 71 -6.93 23.39 33.17
C LEU A 71 -8.10 23.69 34.06
N LEU A 72 -7.83 23.86 35.33
CA LEU A 72 -8.83 24.14 36.34
C LEU A 72 -9.33 25.56 36.35
N ASP A 73 -8.43 26.51 36.05
CA ASP A 73 -8.67 27.91 36.33
C ASP A 73 -7.53 28.79 35.82
N VAL A 74 -7.88 30.05 35.57
CA VAL A 74 -6.89 31.03 35.20
C VAL A 74 -7.05 32.25 36.11
N ILE A 75 -5.97 32.59 36.79
CA ILE A 75 -5.96 33.74 37.66
C ILE A 75 -5.12 34.85 37.05
N HIS A 76 -5.86 35.86 36.62
CA HIS A 76 -5.39 36.86 35.69
C HIS A 76 -5.39 38.20 36.42
N THR A 77 -4.25 38.46 37.05
CA THR A 77 -4.00 39.67 37.84
C THR A 77 -3.44 40.76 36.94
N GLU A 78 -3.43 41.98 37.43
CA GLU A 78 -2.92 43.14 36.67
C GLU A 78 -1.42 42.94 36.40
N ASN A 79 -0.82 42.14 37.28
CA ASN A 79 0.62 41.89 37.29
C ASN A 79 1.01 40.51 36.73
N LYS A 80 0.34 39.46 37.23
CA LYS A 80 0.70 38.07 36.91
C LYS A 80 -0.46 37.28 36.26
N LEU A 81 -0.10 36.25 35.53
CA LEU A 81 -1.04 35.31 35.03
C LEU A 81 -0.71 33.93 35.61
N TYR A 82 -1.63 33.28 36.32
CA TYR A 82 -1.36 31.96 36.90
C TYR A 82 -2.30 30.94 36.31
N LEU A 83 -1.76 29.92 35.66
CA LEU A 83 -2.59 28.83 35.19
C LEU A 83 -2.72 27.78 36.27
N VAL A 84 -3.94 27.42 36.61
CA VAL A 84 -4.14 26.33 37.58
C VAL A 84 -4.48 24.98 36.92
N PHE A 85 -3.58 24.02 37.02
CA PHE A 85 -3.75 22.69 36.41
C PHE A 85 -3.96 21.65 37.49
N GLU A 86 -4.75 20.63 37.20
CA GLU A 86 -4.75 19.42 38.01
C GLU A 86 -3.29 18.91 38.11
N PHE A 87 -2.96 18.31 39.27
CA PHE A 87 -1.59 17.86 39.58
C PHE A 87 -1.39 16.39 39.28
N LEU A 88 -0.34 16.10 38.53
CA LEU A 88 -0.03 14.71 38.31
C LEU A 88 1.38 14.36 38.78
N HIS A 89 1.45 13.26 39.50
CA HIS A 89 2.65 12.75 40.18
C HIS A 89 3.93 12.94 39.40
N GLN A 90 3.90 12.61 38.12
CA GLN A 90 5.15 12.52 37.43
C GLN A 90 5.06 12.46 35.91
N ASP A 91 6.19 12.44 35.25
CA ASP A 91 6.22 12.40 33.82
C ASP A 91 6.88 11.15 33.29
N LEU A 92 6.53 10.78 32.07
CA LEU A 92 6.78 9.48 31.49
C LEU A 92 8.27 9.26 31.39
N LYS A 93 9.01 10.33 31.11
CA LYS A 93 10.45 10.28 31.23
C LYS A 93 10.90 10.07 32.69
N LYS A 94 10.49 10.79 33.63
CA LYS A 94 10.87 10.62 35.04
C LYS A 94 10.40 9.26 35.58
N PHE A 95 10.04 8.35 35.01
CA PHE A 95 9.45 7.01 35.10
C PHE A 95 10.10 5.88 34.31
N MET A 96 10.34 6.07 33.01
CA MET A 96 11.20 5.17 32.20
C MET A 96 12.60 5.12 32.81
N ASP A 97 13.09 6.26 33.30
CA ASP A 97 14.37 6.33 33.99
C ASP A 97 14.36 5.48 35.25
N ALA A 98 13.36 5.66 36.09
CA ALA A 98 13.17 4.85 37.29
C ALA A 98 12.90 3.35 37.02
N SER A 99 12.59 2.98 35.78
CA SER A 99 12.40 1.57 35.45
C SER A 99 13.56 1.09 34.63
N ALA A 100 14.62 1.89 34.55
CA ALA A 100 15.73 1.58 33.66
C ALA A 100 16.32 0.20 33.96
N LEU A 101 15.96 -0.37 35.10
CA LEU A 101 16.41 -1.73 35.42
C LEU A 101 15.28 -2.73 35.22
N THR A 102 14.11 -2.45 35.78
CA THR A 102 12.96 -3.30 35.54
C THR A 102 12.81 -3.38 34.02
N GLY A 103 12.41 -2.27 33.43
CA GLY A 103 11.70 -2.29 32.17
C GLY A 103 10.25 -2.05 32.50
N ILE A 104 9.47 -1.63 31.51
CA ILE A 104 8.07 -1.34 31.75
C ILE A 104 7.28 -2.52 31.29
N PRO A 105 6.48 -3.07 32.17
CA PRO A 105 5.61 -4.21 31.84
C PRO A 105 4.72 -3.89 30.66
N LEU A 106 4.49 -4.88 29.81
CA LEU A 106 3.93 -4.61 28.50
C LEU A 106 2.48 -4.08 28.64
N PRO A 107 1.75 -4.57 29.65
CA PRO A 107 0.35 -4.17 29.87
C PRO A 107 0.30 -2.70 30.21
N LEU A 108 1.35 -2.21 30.86
CA LEU A 108 1.46 -0.82 31.17
C LEU A 108 1.77 0.03 29.91
N ILE A 109 2.65 -0.45 29.06
CA ILE A 109 3.03 0.22 27.82
C ILE A 109 1.79 0.32 26.95
N LYS A 110 0.99 -0.72 27.04
CA LYS A 110 -0.16 -0.89 26.22
C LYS A 110 -1.31 0.03 26.68
N SER A 111 -1.53 0.05 27.98
CA SER A 111 -2.48 0.96 28.58
C SER A 111 -2.08 2.40 28.24
N TYR A 112 -0.78 2.71 28.39
CA TYR A 112 -0.31 4.07 28.16
C TYR A 112 -0.52 4.51 26.71
N LEU A 113 -0.13 3.63 25.80
CA LEU A 113 -0.34 3.89 24.40
C LEU A 113 -1.82 4.16 24.10
N PHE A 114 -2.67 3.30 24.67
CA PHE A 114 -4.09 3.31 24.40
C PHE A 114 -4.68 4.65 24.94
N GLN A 115 -4.31 5.00 26.18
CA GLN A 115 -4.71 6.30 26.75
C GLN A 115 -4.19 7.48 25.94
N LEU A 116 -2.93 7.43 25.51
CA LEU A 116 -2.35 8.51 24.74
C LEU A 116 -3.13 8.69 23.43
N LEU A 117 -3.44 7.58 22.81
CA LEU A 117 -4.11 7.60 21.58
C LEU A 117 -5.51 8.22 21.72
N GLN A 118 -6.18 7.89 22.81
CA GLN A 118 -7.48 8.44 23.10
C GLN A 118 -7.40 9.99 23.27
N GLY A 119 -6.36 10.46 23.93
CA GLY A 119 -6.20 11.88 24.16
C GLY A 119 -5.92 12.67 22.90
N LEU A 120 -5.12 12.04 22.09
CA LEU A 120 -4.71 12.58 20.80
C LEU A 120 -5.87 12.67 19.84
N ALA A 121 -6.65 11.60 19.74
CA ALA A 121 -7.80 11.50 18.85
C ALA A 121 -8.82 12.56 19.27
N PHE A 122 -8.95 12.78 20.59
CA PHE A 122 -9.73 13.91 21.05
C PHE A 122 -9.22 15.24 20.54
N CYS A 123 -7.90 15.50 20.74
CA CYS A 123 -7.27 16.72 20.23
C CYS A 123 -7.60 16.88 18.73
N HIS A 124 -7.33 15.86 17.95
CA HIS A 124 -7.50 15.97 16.53
C HIS A 124 -8.98 16.19 16.05
N SER A 125 -9.88 15.62 16.83
CA SER A 125 -11.30 15.72 16.61
C SER A 125 -11.74 17.13 16.87
N HIS A 126 -11.01 17.81 17.74
CA HIS A 126 -11.32 19.19 18.02
C HIS A 126 -10.38 20.18 17.36
N ARG A 127 -9.90 19.78 16.19
CA ARG A 127 -8.99 20.56 15.36
C ARG A 127 -7.77 21.19 16.15
N VAL A 128 -7.22 20.44 17.11
CA VAL A 128 -6.00 20.83 17.80
C VAL A 128 -4.87 19.89 17.47
N LEU A 129 -3.76 20.44 17.01
CA LEU A 129 -2.45 19.79 16.91
C LEU A 129 -1.63 20.08 18.17
N HIS A 130 -0.92 19.08 18.64
CA HIS A 130 -0.19 19.22 19.88
C HIS A 130 1.22 19.80 19.61
N ARG A 131 1.93 19.10 18.75
CA ARG A 131 3.22 19.54 18.13
C ARG A 131 4.41 19.51 19.08
N ASP A 132 4.26 18.91 20.22
CA ASP A 132 5.35 18.66 21.07
C ASP A 132 5.15 17.42 21.95
N LEU A 133 4.73 16.33 21.35
CA LEU A 133 4.60 15.09 22.10
C LEU A 133 5.99 14.50 22.33
N LYS A 134 6.34 14.38 23.60
CA LYS A 134 7.58 13.72 24.03
C LYS A 134 7.35 13.31 25.46
N PRO A 135 8.18 12.39 25.96
CA PRO A 135 7.92 11.80 27.26
C PRO A 135 7.79 12.81 28.38
N GLN A 136 8.54 13.93 28.37
CA GLN A 136 8.50 14.87 29.47
C GLN A 136 7.17 15.63 29.50
N ASN A 137 6.42 15.57 28.40
CA ASN A 137 5.14 16.29 28.25
C ASN A 137 3.92 15.39 28.57
N LEU A 138 4.20 14.18 28.98
CA LEU A 138 3.16 13.22 29.24
C LEU A 138 3.16 12.84 30.71
N LEU A 139 2.09 13.11 31.41
CA LEU A 139 2.14 13.02 32.84
C LEU A 139 1.32 11.78 33.33
N ILE A 140 1.82 11.16 34.38
CA ILE A 140 1.20 9.99 34.93
C ILE A 140 0.82 10.18 36.37
N ASN A 141 -0.33 9.64 36.71
CA ASN A 141 -0.74 9.63 38.10
C ASN A 141 -0.57 8.26 38.73
N THR A 142 -0.93 8.13 40.00
CA THR A 142 -0.70 6.91 40.77
C THR A 142 -1.78 5.88 40.46
N GLU A 143 -2.91 6.29 39.90
CA GLU A 143 -3.98 5.37 39.59
C GLU A 143 -3.92 4.76 38.19
N GLY A 144 -2.90 5.07 37.40
CA GLY A 144 -2.65 4.35 36.16
C GLY A 144 -2.95 5.19 34.90
N ALA A 145 -3.44 6.41 35.12
CA ALA A 145 -3.64 7.32 34.06
C ALA A 145 -2.34 7.96 33.47
N ILE A 146 -2.38 8.28 32.19
CA ILE A 146 -1.37 9.12 31.60
C ILE A 146 -2.11 10.12 30.75
N LYS A 147 -1.54 11.33 30.67
CA LYS A 147 -2.18 12.50 30.09
C LYS A 147 -1.26 13.44 29.29
N LEU A 148 -1.75 13.87 28.12
CA LEU A 148 -1.07 14.88 27.35
C LEU A 148 -1.07 16.21 28.10
N ALA A 149 0.14 16.75 28.24
CA ALA A 149 0.35 18.05 28.86
C ALA A 149 1.24 18.93 27.97
N ASP A 150 1.47 20.16 28.48
CA ASP A 150 2.16 21.23 27.78
C ASP A 150 1.63 21.52 26.36
N PHE A 151 0.53 22.26 26.28
CA PHE A 151 -0.11 22.68 25.05
C PHE A 151 0.46 24.05 24.62
N GLY A 152 1.67 24.35 25.11
CA GLY A 152 2.41 25.54 24.77
C GLY A 152 2.64 25.71 23.30
N LEU A 153 2.80 24.58 22.63
CA LEU A 153 3.18 24.58 21.24
C LEU A 153 1.98 24.22 20.39
N ALA A 154 0.81 24.06 20.99
CA ALA A 154 -0.33 23.63 20.24
C ALA A 154 -0.85 24.68 19.29
N ARG A 155 -1.68 24.24 18.36
CA ARG A 155 -2.38 25.19 17.54
C ARG A 155 -3.72 24.69 16.95
N ALA A 156 -4.68 25.62 16.80
CA ALA A 156 -5.93 25.28 16.12
C ALA A 156 -5.69 25.21 14.64
N PHE A 157 -6.09 24.13 14.02
CA PHE A 157 -5.91 23.96 12.61
C PHE A 157 -7.21 24.04 11.86
N GLY A 158 -7.07 24.27 10.56
CA GLY A 158 -8.17 24.22 9.63
C GLY A 158 -8.20 22.99 8.71
N VAL A 159 -9.31 22.87 8.00
CA VAL A 159 -9.50 21.76 7.10
C VAL A 159 -9.83 22.36 5.77
N PRO A 160 -8.93 22.19 4.79
CA PRO A 160 -7.62 21.56 4.95
C PRO A 160 -6.63 22.52 5.62
N VAL A 161 -5.47 22.05 6.03
CA VAL A 161 -4.53 22.88 6.79
C VAL A 161 -3.85 23.93 5.90
N ARG A 162 -3.41 25.04 6.49
CA ARG A 162 -2.51 25.99 5.79
C ARG A 162 -1.11 25.62 6.25
N THR A 163 -0.16 26.43 5.82
CA THR A 163 1.17 26.49 6.37
C THR A 163 1.17 27.10 7.75
N TYR A 164 1.82 26.35 8.66
CA TYR A 164 1.95 26.72 10.06
C TYR A 164 3.45 26.79 10.39
N HIS A 166 7.22 26.45 10.78
CA HIS A 166 8.21 25.36 10.48
C HIS A 166 8.92 24.79 11.68
N GLU A 167 9.36 25.69 12.54
CA GLU A 167 10.19 25.31 13.67
C GLU A 167 9.43 24.53 14.71
N VAL A 168 9.25 23.23 14.53
CA VAL A 168 8.21 22.54 15.33
C VAL A 168 8.49 21.05 15.75
N VAL A 169 8.26 20.78 17.04
CA VAL A 169 8.34 19.44 17.64
C VAL A 169 9.77 19.23 18.09
N THR A 170 9.99 18.87 19.34
CA THR A 170 11.33 18.53 19.76
C THR A 170 11.96 17.49 18.81
N LEU A 171 13.20 17.76 18.44
CA LEU A 171 13.90 17.10 17.36
C LEU A 171 13.74 15.56 17.30
N TRP A 172 13.95 14.90 18.43
CA TRP A 172 13.99 13.46 18.47
C TRP A 172 12.66 12.84 18.03
N TYR A 173 11.59 13.64 18.18
CA TYR A 173 10.22 13.25 17.95
C TYR A 173 9.64 13.88 16.65
N ARG A 174 10.44 14.61 15.89
CA ARG A 174 10.00 15.29 14.72
C ARG A 174 9.78 14.38 13.51
N ALA A 175 8.68 14.64 12.79
CA ALA A 175 8.29 13.86 11.62
C ALA A 175 9.12 14.25 10.41
N PRO A 176 9.30 13.30 9.51
CA PRO A 176 10.11 13.52 8.29
C PRO A 176 9.52 14.54 7.38
N GLU A 177 8.20 14.71 7.29
CA GLU A 177 7.64 15.78 6.45
C GLU A 177 8.03 17.18 6.95
N ILE A 178 8.22 17.33 8.25
CA ILE A 178 8.63 18.61 8.81
C ILE A 178 10.13 18.73 8.48
N LEU A 179 10.87 17.65 8.76
CA LEU A 179 12.30 17.63 8.50
C LEU A 179 12.62 17.97 7.03
N LEU A 180 11.70 17.66 6.13
CA LEU A 180 11.92 17.81 4.74
C LEU A 180 11.19 19.04 4.20
N GLY A 181 10.70 19.90 5.10
CA GLY A 181 10.24 21.20 4.69
C GLY A 181 8.85 21.31 4.06
N CYS A 182 8.03 20.31 4.21
CA CYS A 182 6.69 20.33 3.63
C CYS A 182 5.95 21.56 4.20
N LYS A 183 5.36 22.33 3.30
CA LYS A 183 4.60 23.53 3.58
C LYS A 183 3.33 23.13 4.35
N TYR A 184 2.94 21.88 4.20
CA TYR A 184 1.71 21.36 4.78
C TYR A 184 2.13 20.23 5.65
N TYR A 185 1.79 20.32 6.92
CA TYR A 185 1.81 19.17 7.79
C TYR A 185 0.52 19.19 8.62
N SER A 186 0.19 18.04 9.19
CA SER A 186 -1.07 17.86 9.85
C SER A 186 -1.06 16.90 11.06
N THR A 187 -2.23 16.35 11.39
CA THR A 187 -2.38 15.50 12.52
C THR A 187 -1.30 14.39 12.56
N ALA A 188 -0.96 13.86 11.38
CA ALA A 188 0.09 12.87 11.21
C ALA A 188 1.38 13.15 12.00
N VAL A 189 1.74 14.42 12.18
CA VAL A 189 2.94 14.69 12.92
C VAL A 189 2.81 14.27 14.39
N ASP A 190 1.60 14.42 14.97
CA ASP A 190 1.42 13.93 16.32
C ASP A 190 1.53 12.39 16.46
N ILE A 191 1.01 11.68 15.47
CA ILE A 191 1.14 10.25 15.46
C ILE A 191 2.60 9.78 15.40
N TRP A 192 3.40 10.40 14.53
CA TRP A 192 4.83 10.16 14.45
C TRP A 192 5.51 10.23 15.80
N SER A 193 5.21 11.27 16.54
CA SER A 193 5.81 11.42 17.86
C SER A 193 5.36 10.29 18.83
N LEU A 194 4.09 9.90 18.76
CA LEU A 194 3.57 8.82 19.57
C LEU A 194 4.26 7.49 19.19
N GLY A 195 4.43 7.24 17.90
CA GLY A 195 5.20 6.14 17.42
C GLY A 195 6.58 6.09 18.10
N CYS A 196 7.27 7.25 18.06
CA CYS A 196 8.65 7.33 18.60
C CYS A 196 8.57 7.01 20.07
N ILE A 197 7.46 7.44 20.69
CA ILE A 197 7.31 7.23 22.10
C ILE A 197 7.03 5.77 22.43
N PHE A 198 6.24 5.12 21.57
CA PHE A 198 5.93 3.72 21.72
C PHE A 198 7.25 2.87 21.76
N ALA A 199 8.14 3.17 20.83
CA ALA A 199 9.42 2.49 20.73
C ALA A 199 10.20 2.63 22.03
N GLU A 200 10.09 3.84 22.57
CA GLU A 200 10.90 4.33 23.63
C GLU A 200 10.44 3.69 24.91
N MET A 201 9.14 3.53 25.07
CA MET A 201 8.63 2.82 26.24
C MET A 201 9.10 1.36 26.17
N VAL A 202 9.29 0.84 24.98
CA VAL A 202 9.61 -0.59 24.79
C VAL A 202 11.07 -0.86 25.14
N THR A 203 11.97 -0.06 24.57
CA THR A 203 13.43 -0.16 24.77
C THR A 203 14.02 0.69 25.89
N ARG A 204 13.29 1.65 26.42
CA ARG A 204 13.86 2.66 27.33
C ARG A 204 14.92 3.56 26.69
N ARG A 205 14.97 3.63 25.38
CA ARG A 205 15.79 4.64 24.75
C ARG A 205 15.14 5.22 23.50
N ALA A 206 15.37 6.50 23.31
CA ALA A 206 14.90 7.22 22.17
C ALA A 206 15.25 6.48 20.88
N LEU A 207 14.27 6.42 19.99
CA LEU A 207 14.34 5.73 18.74
C LEU A 207 15.28 6.42 17.74
N PHE A 208 15.16 7.74 17.62
CA PHE A 208 15.92 8.53 16.72
C PHE A 208 16.58 9.79 17.42
N PRO A 209 17.70 9.61 18.11
CA PRO A 209 18.25 10.74 18.87
C PRO A 209 19.30 11.50 18.10
N GLY A 210 18.88 12.22 17.06
CA GLY A 210 19.74 13.07 16.30
C GLY A 210 20.11 14.29 17.11
N ASP A 211 21.16 14.98 16.67
CA ASP A 211 21.42 16.34 17.17
C ASP A 211 21.31 17.40 16.12
N SER A 212 20.95 17.03 14.91
CA SER A 212 20.67 18.02 13.93
C SER A 212 19.58 17.51 13.02
N GLU A 213 19.08 18.43 12.19
CA GLU A 213 18.06 18.03 11.25
C GLU A 213 18.51 16.95 10.30
N ILE A 214 19.70 17.09 9.72
CA ILE A 214 20.16 16.07 8.77
C ILE A 214 20.48 14.74 9.47
N ASP A 215 21.06 14.86 10.66
CA ASP A 215 21.38 13.74 11.51
C ASP A 215 20.10 12.94 11.83
N GLN A 216 19.03 13.66 12.17
CA GLN A 216 17.72 13.08 12.47
C GLN A 216 17.17 12.30 11.31
N LEU A 217 17.09 12.99 10.17
CA LEU A 217 16.72 12.44 8.91
C LEU A 217 17.43 11.12 8.57
N PHE A 218 18.77 11.11 8.66
CA PHE A 218 19.56 9.96 8.30
C PHE A 218 19.37 8.84 9.31
N ARG A 219 19.15 9.15 10.57
CA ARG A 219 18.88 8.13 11.52
C ARG A 219 17.54 7.47 11.22
N ILE A 220 16.55 8.27 10.81
CA ILE A 220 15.27 7.74 10.41
C ILE A 220 15.41 6.88 9.13
N PHE A 221 16.11 7.40 8.13
CA PHE A 221 16.42 6.66 6.91
C PHE A 221 17.14 5.33 7.15
N ARG A 222 18.16 5.29 7.98
CA ARG A 222 18.78 4.03 8.20
C ARG A 222 17.89 3.06 8.90
N THR A 223 16.84 3.54 9.53
CA THR A 223 16.01 2.62 10.26
C THR A 223 14.85 2.14 9.39
N LEU A 224 14.31 3.00 8.53
CA LEU A 224 13.03 2.71 7.94
C LEU A 224 13.23 2.59 6.43
N GLY A 225 14.47 2.82 6.03
CA GLY A 225 14.85 2.85 4.65
C GLY A 225 14.70 4.24 4.17
N THR A 226 15.54 4.64 3.23
CA THR A 226 15.39 5.96 2.62
C THR A 226 14.17 5.89 1.77
N PRO A 227 13.33 6.92 1.87
CA PRO A 227 12.07 6.94 1.12
C PRO A 227 12.24 7.22 -0.35
N ASP A 228 11.59 6.43 -1.20
CA ASP A 228 11.41 6.79 -2.63
C ASP A 228 9.92 7.17 -2.97
N GLU A 229 9.66 7.41 -4.26
CA GLU A 229 8.37 7.81 -4.80
C GLU A 229 7.36 6.66 -4.67
N VAL A 230 7.87 5.44 -4.66
CA VAL A 230 7.06 4.28 -4.36
C VAL A 230 6.48 4.44 -2.96
N VAL A 231 7.33 4.39 -1.94
CA VAL A 231 6.77 4.40 -0.59
C VAL A 231 6.11 5.75 -0.23
N TRP A 232 6.53 6.81 -0.89
CA TRP A 232 6.10 8.15 -0.51
C TRP A 232 6.09 9.01 -1.72
N PRO A 233 4.96 9.00 -2.43
CA PRO A 233 4.82 9.81 -3.64
C PRO A 233 4.94 11.27 -3.28
N GLY A 234 5.63 12.02 -4.14
CA GLY A 234 6.00 13.40 -3.89
C GLY A 234 7.35 13.66 -3.17
N VAL A 235 7.98 12.68 -2.52
CA VAL A 235 9.10 12.97 -1.62
C VAL A 235 10.13 13.78 -2.32
N THR A 236 10.52 13.28 -3.49
CA THR A 236 11.67 13.77 -4.26
C THR A 236 11.45 15.20 -4.66
N SER A 237 10.26 15.74 -4.41
CA SER A 237 9.94 17.12 -4.79
C SER A 237 9.95 18.00 -3.55
N MET A 238 9.88 17.36 -2.39
CA MET A 238 9.92 18.10 -1.16
C MET A 238 11.15 19.05 -1.07
N PRO A 239 10.93 20.28 -0.58
CA PRO A 239 11.90 21.38 -0.60
C PRO A 239 13.29 21.03 -0.11
N ASP A 240 13.42 20.22 0.93
CA ASP A 240 14.74 19.93 1.45
C ASP A 240 15.15 18.51 1.12
N TYR A 241 14.48 17.92 0.14
CA TYR A 241 14.90 16.64 -0.37
C TYR A 241 16.14 16.86 -1.18
N LYS A 242 17.13 16.01 -0.95
CA LYS A 242 18.35 16.03 -1.76
C LYS A 242 18.57 14.69 -2.43
N PRO A 243 18.78 14.69 -3.73
CA PRO A 243 19.01 13.44 -4.45
C PRO A 243 20.31 12.74 -4.03
N SER A 244 21.16 13.48 -3.34
CA SER A 244 22.39 12.92 -2.80
C SER A 244 22.21 12.17 -1.47
N PHE A 245 20.99 12.19 -0.91
CA PHE A 245 20.65 11.37 0.26
C PHE A 245 21.10 9.95 0.00
N PRO A 246 21.88 9.41 0.91
CA PRO A 246 22.23 7.99 0.81
C PRO A 246 20.97 7.12 0.86
N LYS A 247 20.96 6.05 0.07
CA LYS A 247 19.79 5.23 -0.04
C LYS A 247 19.96 3.97 0.77
N TRP A 248 19.48 3.99 2.01
CA TRP A 248 19.69 2.86 2.90
C TRP A 248 18.50 1.94 2.77
N ALA A 249 18.78 0.66 2.91
CA ALA A 249 17.73 -0.34 2.90
C ALA A 249 16.88 -0.34 4.20
N ARG A 250 15.61 -0.65 4.07
CA ARG A 250 14.75 -0.75 5.20
C ARG A 250 15.07 -2.01 6.00
N GLN A 251 15.09 -1.81 7.30
CA GLN A 251 15.30 -2.83 8.27
C GLN A 251 14.02 -3.57 8.48
N ASP A 252 14.19 -4.83 8.84
CA ASP A 252 13.14 -5.63 9.37
C ASP A 252 12.79 -5.03 10.75
N PHE A 253 11.52 -4.67 10.91
CA PHE A 253 10.96 -4.12 12.13
C PHE A 253 11.15 -4.95 13.36
N SER A 254 11.27 -6.25 13.18
CA SER A 254 11.50 -7.07 14.33
C SER A 254 12.85 -6.65 14.92
N LYS A 255 13.70 -5.98 14.14
CA LYS A 255 14.97 -5.51 14.68
C LYS A 255 14.87 -4.12 15.27
N VAL A 256 13.89 -3.34 14.83
CA VAL A 256 13.75 -1.98 15.30
C VAL A 256 13.43 -1.98 16.77
N VAL A 257 12.56 -2.89 17.19
CA VAL A 257 12.19 -2.97 18.60
C VAL A 257 11.99 -4.44 18.95
N PRO A 258 13.10 -5.14 19.13
CA PRO A 258 13.11 -6.60 19.26
C PRO A 258 12.04 -7.19 20.18
N PRO A 259 11.84 -6.69 21.40
CA PRO A 259 10.86 -7.30 22.32
C PRO A 259 9.43 -7.29 21.81
N LEU A 260 9.09 -6.44 20.86
CA LEU A 260 7.69 -6.34 20.37
C LEU A 260 7.26 -7.57 19.65
N ASP A 261 6.08 -8.00 20.01
CA ASP A 261 5.32 -8.96 19.23
C ASP A 261 4.84 -8.46 17.83
N GLU A 262 4.27 -9.37 17.09
CA GLU A 262 3.63 -9.08 15.81
C GLU A 262 2.69 -7.84 15.75
N ASP A 263 1.79 -7.72 16.71
CA ASP A 263 0.71 -6.74 16.67
C ASP A 263 1.26 -5.36 17.00
N GLY A 264 2.12 -5.31 18.00
CA GLY A 264 2.82 -4.11 18.36
C GLY A 264 3.64 -3.67 17.17
N ARG A 265 4.37 -4.63 16.59
CA ARG A 265 5.22 -4.33 15.44
C ARG A 265 4.38 -3.70 14.35
N SER A 266 3.22 -4.35 14.07
CA SER A 266 2.27 -3.86 13.07
C SER A 266 1.82 -2.43 13.34
N LEU A 267 1.35 -2.16 14.54
CA LEU A 267 0.93 -0.82 14.93
C LEU A 267 2.06 0.23 14.78
N LEU A 268 3.26 -0.16 15.19
CA LEU A 268 4.40 0.74 15.15
C LEU A 268 4.72 1.15 13.74
N SER A 269 4.63 0.20 12.82
CA SER A 269 4.88 0.47 11.41
C SER A 269 3.84 1.41 10.87
N GLN A 270 2.62 1.25 11.24
CA GLN A 270 1.58 2.20 10.79
C GLN A 270 1.76 3.62 11.35
N MET A 271 2.21 3.66 12.60
CA MET A 271 2.46 4.92 13.21
C MET A 271 3.74 5.64 12.63
N LEU A 272 4.64 4.89 11.98
CA LEU A 272 5.85 5.42 11.41
C LEU A 272 5.91 5.24 9.88
N HIS A 273 4.73 5.24 9.28
CA HIS A 273 4.66 5.34 7.84
C HIS A 273 5.18 6.67 7.30
N TYR A 274 5.97 6.62 6.24
CA TYR A 274 6.51 7.83 5.68
C TYR A 274 5.42 8.80 5.19
N ASP A 275 4.53 8.31 4.32
CA ASP A 275 3.55 9.17 3.69
C ASP A 275 2.56 9.54 4.79
N PRO A 276 2.44 10.81 5.15
CA PRO A 276 1.57 11.21 6.24
C PRO A 276 0.08 10.78 5.99
N ASN A 277 -0.39 10.83 4.73
CA ASN A 277 -1.70 10.32 4.37
C ASN A 277 -1.85 8.83 4.72
N LYS A 278 -0.83 8.03 4.58
CA LYS A 278 -0.97 6.64 4.97
C LYS A 278 -0.71 6.36 6.45
N ARG A 279 -0.01 7.24 7.12
CA ARG A 279 0.21 7.05 8.50
C ARG A 279 -1.16 6.91 9.19
N ILE A 280 -1.25 5.96 10.11
CA ILE A 280 -2.46 5.75 10.83
C ILE A 280 -2.91 6.96 11.74
N SER A 281 -4.19 7.26 11.65
CA SER A 281 -4.85 8.17 12.60
C SER A 281 -4.93 7.60 13.99
N ALA A 282 -5.06 8.48 14.98
CA ALA A 282 -5.18 8.11 16.40
C ALA A 282 -6.48 7.37 16.62
N LYS A 283 -7.54 7.84 16.02
CA LYS A 283 -8.81 7.18 16.04
C LYS A 283 -8.75 5.69 15.54
N ALA A 284 -8.13 5.48 14.35
CA ALA A 284 -8.09 4.14 13.79
C ALA A 284 -7.17 3.24 14.61
N ALA A 285 -6.18 3.85 15.22
CA ALA A 285 -5.26 3.04 15.93
C ALA A 285 -5.95 2.43 17.10
N LEU A 286 -6.97 3.11 17.62
CA LEU A 286 -7.63 2.59 18.83
C LEU A 286 -8.20 1.19 18.64
N ALA A 287 -8.45 0.86 17.39
CA ALA A 287 -8.97 -0.45 17.03
C ALA A 287 -7.97 -1.48 16.65
N HIS A 288 -6.69 -1.19 16.91
CA HIS A 288 -5.63 -2.16 16.60
C HIS A 288 -5.61 -3.37 17.55
N PRO A 289 -5.49 -4.54 16.94
CA PRO A 289 -5.46 -5.81 17.63
C PRO A 289 -4.45 -5.80 18.78
N PHE A 290 -3.36 -5.04 18.66
CA PHE A 290 -2.50 -4.77 19.77
C PHE A 290 -3.25 -4.45 21.04
N PHE A 291 -4.41 -3.77 20.94
CA PHE A 291 -5.11 -3.39 22.15
C PHE A 291 -6.21 -4.37 22.65
N GLN A 292 -6.37 -5.55 22.00
CA GLN A 292 -7.40 -6.47 22.40
C GLN A 292 -7.50 -6.76 23.90
N ASP A 293 -6.41 -7.10 24.55
CA ASP A 293 -6.40 -7.38 25.98
C ASP A 293 -5.97 -6.21 26.90
N VAL A 294 -6.22 -4.99 26.45
CA VAL A 294 -5.77 -3.81 27.18
C VAL A 294 -6.52 -3.60 28.49
N THR A 295 -5.78 -3.22 29.51
CA THR A 295 -6.38 -2.77 30.76
C THR A 295 -5.68 -1.54 31.30
N LYS A 296 -6.14 -1.07 32.45
CA LYS A 296 -5.49 0.11 33.00
C LYS A 296 -4.90 -0.11 34.37
N PRO A 297 -3.77 -0.80 34.38
CA PRO A 297 -3.03 -1.07 35.60
C PRO A 297 -2.35 0.15 36.17
N VAL A 298 -2.18 0.12 37.47
CA VAL A 298 -1.40 1.11 38.18
C VAL A 298 0.07 0.98 37.79
N PRO A 299 0.75 2.12 37.69
CA PRO A 299 2.16 2.08 37.30
C PRO A 299 2.82 1.15 38.30
N HIS A 300 3.65 0.20 37.85
CA HIS A 300 4.17 -0.84 38.73
C HIS A 300 5.16 -0.21 39.70
N LEU A 301 5.39 1.07 39.48
CA LEU A 301 6.40 1.85 40.16
C LEU A 301 7.84 1.58 39.65
N ARG A 302 8.39 0.47 39.65
N VAL B 2 -7.50 16.04 5.37
CA VAL B 2 -7.15 14.69 5.90
C VAL B 2 -8.41 14.03 6.45
N PRO B 3 -9.35 13.73 5.56
CA PRO B 3 -10.66 13.16 5.92
C PRO B 3 -10.61 11.89 6.79
N ASP B 4 -10.40 12.08 8.08
CA ASP B 4 -10.56 11.03 9.10
C ASP B 4 -11.14 11.75 10.29
N TYR B 5 -10.87 13.05 10.32
CA TYR B 5 -11.45 13.92 11.30
C TYR B 5 -12.35 15.00 10.70
N HIS B 6 -12.43 15.05 9.36
CA HIS B 6 -13.17 16.13 8.67
C HIS B 6 -14.62 16.25 9.19
N GLU B 7 -15.31 15.12 9.28
CA GLU B 7 -16.63 15.08 9.87
C GLU B 7 -16.69 15.56 11.34
N ASP B 8 -15.93 14.92 12.23
CA ASP B 8 -15.88 15.32 13.63
C ASP B 8 -15.60 16.81 13.80
N ILE B 9 -14.59 17.29 13.08
CA ILE B 9 -14.26 18.67 13.12
C ILE B 9 -15.43 19.55 12.72
N HIS B 10 -16.06 19.26 11.59
CA HIS B 10 -17.19 20.07 11.14
C HIS B 10 -18.34 20.09 12.17
N THR B 11 -18.64 18.96 12.78
CA THR B 11 -19.65 18.85 13.79
C THR B 11 -19.32 19.73 14.96
N TYR B 12 -18.06 19.70 15.36
CA TYR B 12 -17.55 20.48 16.46
C TYR B 12 -17.63 21.98 16.24
N LEU B 13 -17.25 22.41 15.04
CA LEU B 13 -17.32 23.81 14.67
C LEU B 13 -18.78 24.30 14.68
N ARG B 14 -19.69 23.45 14.19
CA ARG B 14 -21.13 23.70 14.21
C ARG B 14 -21.65 23.95 15.61
N GLU B 15 -21.26 23.12 16.57
CA GLU B 15 -21.57 23.36 17.98
C GLU B 15 -20.90 24.66 18.55
N MET B 16 -19.62 24.86 18.25
CA MET B 16 -18.93 25.98 18.80
C MET B 16 -19.35 27.33 18.19
N GLU B 17 -19.78 27.35 16.93
CA GLU B 17 -20.22 28.59 16.34
C GLU B 17 -21.48 29.14 17.05
N VAL B 18 -22.35 28.28 17.52
CA VAL B 18 -23.50 28.69 18.31
C VAL B 18 -23.07 29.31 19.64
N LYS B 19 -22.06 28.76 20.28
CA LYS B 19 -21.65 29.29 21.58
C LYS B 19 -20.80 30.53 21.50
N CYS B 20 -20.10 30.69 20.39
CA CYS B 20 -19.27 31.85 20.17
C CYS B 20 -19.99 33.01 19.41
N LYS B 21 -21.28 32.85 19.12
CA LYS B 21 -22.01 33.84 18.38
C LYS B 21 -22.17 35.14 19.22
N PRO B 22 -21.87 36.28 18.62
CA PRO B 22 -22.19 37.54 19.30
C PRO B 22 -23.70 37.74 19.42
N LYS B 23 -24.10 38.75 20.19
CA LYS B 23 -25.51 39.03 20.36
C LYS B 23 -26.00 39.95 19.22
N VAL B 24 -27.02 39.47 18.52
CA VAL B 24 -27.53 40.09 17.31
C VAL B 24 -27.92 41.56 17.52
N GLY B 25 -28.56 41.85 18.63
CA GLY B 25 -29.02 43.22 18.74
C GLY B 25 -28.07 44.23 19.37
N TYR B 26 -26.77 43.92 19.45
CA TYR B 26 -25.98 44.59 20.45
C TYR B 26 -25.87 46.08 20.21
N MET B 27 -25.88 46.51 18.95
CA MET B 27 -25.63 47.88 18.63
C MET B 27 -26.78 48.81 19.13
N LYS B 28 -28.00 48.29 19.15
CA LYS B 28 -29.14 48.95 19.78
C LYS B 28 -28.79 49.43 21.19
N LYS B 29 -27.98 48.66 21.91
CA LYS B 29 -27.72 48.91 23.33
C LYS B 29 -26.43 49.67 23.54
N GLN B 30 -25.73 49.97 22.45
CA GLN B 30 -24.57 50.87 22.55
C GLN B 30 -25.06 52.30 22.41
N PRO B 31 -24.83 53.12 23.41
CA PRO B 31 -25.29 54.51 23.38
C PRO B 31 -24.51 55.42 22.45
N ASP B 32 -23.19 55.33 22.43
CA ASP B 32 -22.35 56.14 21.58
C ASP B 32 -21.78 55.60 20.24
N ILE B 33 -22.02 54.34 19.90
CA ILE B 33 -21.53 53.83 18.60
C ILE B 33 -22.60 53.14 17.78
N THR B 34 -22.29 52.97 16.50
CA THR B 34 -23.23 52.45 15.53
C THR B 34 -22.64 51.37 14.65
N ASN B 35 -23.53 50.74 13.91
CA ASN B 35 -23.20 49.84 12.86
C ASN B 35 -22.26 50.43 11.83
N SER B 36 -22.48 51.69 11.51
CA SER B 36 -21.73 52.38 10.50
C SER B 36 -20.32 52.68 11.06
N MET B 37 -20.22 53.01 12.34
CA MET B 37 -18.90 53.11 12.92
C MET B 37 -18.19 51.72 12.95
N ARG B 38 -18.94 50.68 13.19
CA ARG B 38 -18.36 49.34 13.10
C ARG B 38 -17.88 49.00 11.69
N ALA B 39 -18.68 49.37 10.70
CA ALA B 39 -18.33 49.23 9.31
C ALA B 39 -16.99 49.91 8.98
N ILE B 40 -16.73 51.09 9.55
CA ILE B 40 -15.47 51.80 9.35
C ILE B 40 -14.27 51.08 10.02
N LEU B 41 -14.46 50.62 11.25
CA LEU B 41 -13.49 49.79 11.95
C LEU B 41 -13.08 48.51 11.18
N VAL B 42 -14.05 47.74 10.77
CA VAL B 42 -13.72 46.50 10.12
C VAL B 42 -12.99 46.81 8.80
N ASP B 43 -13.39 47.88 8.13
CA ASP B 43 -12.81 48.20 6.84
C ASP B 43 -11.35 48.58 6.96
N TRP B 44 -11.05 49.30 8.02
CA TRP B 44 -9.70 49.65 8.37
C TRP B 44 -8.90 48.41 8.81
N LEU B 45 -9.53 47.50 9.58
CA LEU B 45 -8.84 46.29 9.96
C LEU B 45 -8.41 45.49 8.70
N VAL B 46 -9.26 45.46 7.68
CA VAL B 46 -8.92 44.82 6.41
C VAL B 46 -7.62 45.43 5.81
N GLU B 47 -7.54 46.75 5.78
CA GLU B 47 -6.32 47.43 5.35
C GLU B 47 -5.18 47.01 6.24
N VAL B 48 -5.43 46.96 7.53
CA VAL B 48 -4.35 46.60 8.44
C VAL B 48 -3.82 45.21 8.08
N GLY B 49 -4.76 44.27 7.90
CA GLY B 49 -4.47 42.93 7.47
C GLY B 49 -3.59 42.90 6.22
N GLU B 50 -3.91 43.71 5.23
CA GLU B 50 -3.10 43.87 4.05
C GLU B 50 -1.75 44.43 4.40
N GLU B 51 -1.74 45.57 5.08
CA GLU B 51 -0.49 46.25 5.37
C GLU B 51 0.52 45.26 5.89
N TYR B 52 0.11 44.36 6.79
CA TYR B 52 1.05 43.45 7.44
C TYR B 52 0.96 42.03 6.91
N LYS B 53 0.24 41.86 5.82
CA LYS B 53 0.16 40.56 5.16
C LYS B 53 -0.30 39.44 6.13
N LEU B 54 -1.34 39.73 6.90
CA LEU B 54 -1.97 38.77 7.79
C LEU B 54 -2.93 37.85 7.02
N GLN B 55 -3.13 36.67 7.57
CA GLN B 55 -4.15 35.77 7.09
C GLN B 55 -5.55 36.39 7.18
N ASN B 56 -6.39 35.99 6.23
CA ASN B 56 -7.81 36.27 6.31
C ASN B 56 -8.46 35.72 7.58
N GLU B 57 -8.08 34.53 7.97
CA GLU B 57 -8.59 33.92 9.15
C GLU B 57 -8.42 34.87 10.38
N THR B 58 -7.27 35.52 10.45
CA THR B 58 -6.91 36.46 11.49
C THR B 58 -7.89 37.64 11.55
N LEU B 59 -8.20 38.18 10.38
CA LEU B 59 -9.24 39.19 10.20
C LEU B 59 -10.63 38.74 10.67
N HIS B 60 -11.08 37.56 10.27
CA HIS B 60 -12.35 37.01 10.75
C HIS B 60 -12.39 36.85 12.30
N LEU B 61 -11.33 36.33 12.90
CA LEU B 61 -11.27 36.14 14.32
C LEU B 61 -11.42 37.45 15.05
N ALA B 62 -10.70 38.44 14.56
CA ALA B 62 -10.64 39.72 15.23
C ALA B 62 -12.01 40.37 15.31
N VAL B 63 -12.75 40.24 14.21
CA VAL B 63 -14.10 40.75 14.12
C VAL B 63 -15.02 40.04 15.11
N ASN B 64 -14.90 38.72 15.13
CA ASN B 64 -15.59 37.91 16.09
C ASN B 64 -15.31 38.35 17.55
N TYR B 65 -14.04 38.69 17.84
CA TYR B 65 -13.66 39.16 19.16
C TYR B 65 -14.29 40.51 19.51
N ILE B 66 -14.38 41.38 18.51
CA ILE B 66 -14.91 42.71 18.66
C ILE B 66 -16.39 42.62 18.93
N ASP B 67 -17.08 41.81 18.14
CA ASP B 67 -18.53 41.70 18.24
C ASP B 67 -18.95 41.08 19.54
N ARG B 68 -18.16 40.12 20.04
CA ARG B 68 -18.44 39.51 21.30
C ARG B 68 -18.19 40.48 22.44
N PHE B 69 -17.08 41.23 22.32
CA PHE B 69 -16.66 42.20 23.32
C PHE B 69 -17.70 43.31 23.41
N LEU B 70 -18.12 43.81 22.25
CA LEU B 70 -19.13 44.83 22.18
C LEU B 70 -20.55 44.38 22.59
N SER B 71 -20.83 43.07 22.54
CA SER B 71 -22.08 42.49 23.02
C SER B 71 -22.27 42.66 24.53
N SER B 72 -21.17 42.81 25.29
CA SER B 72 -21.28 43.07 26.72
C SER B 72 -20.65 44.35 27.26
N MET B 73 -19.83 45.03 26.50
CA MET B 73 -19.20 46.21 27.00
C MET B 73 -19.59 47.48 26.19
N SER B 74 -20.13 48.44 26.91
CA SER B 74 -20.48 49.68 26.29
C SER B 74 -19.16 50.41 26.03
N VAL B 75 -19.00 50.95 24.84
CA VAL B 75 -17.76 51.60 24.45
C VAL B 75 -17.98 52.97 23.79
N LEU B 76 -17.20 53.95 24.21
CA LEU B 76 -17.19 55.28 23.60
C LEU B 76 -16.47 55.29 22.25
N ARG B 77 -16.99 56.07 21.30
CA ARG B 77 -16.47 56.05 19.92
C ARG B 77 -14.97 56.34 19.88
N GLY B 78 -14.54 57.25 20.74
CA GLY B 78 -13.12 57.52 20.86
C GLY B 78 -12.32 56.30 21.25
N LYS B 79 -13.00 55.26 21.75
CA LYS B 79 -12.28 54.07 22.19
C LYS B 79 -12.46 52.85 21.27
N LEU B 80 -13.38 52.94 20.32
CA LEU B 80 -13.68 51.83 19.46
C LEU B 80 -12.45 51.37 18.68
N GLN B 81 -11.59 52.29 18.27
CA GLN B 81 -10.43 51.85 17.51
C GLN B 81 -9.41 51.11 18.39
N LEU B 82 -9.49 51.35 19.67
CA LEU B 82 -8.59 50.69 20.60
C LEU B 82 -9.08 49.29 20.84
N VAL B 83 -10.38 49.12 20.98
CA VAL B 83 -10.92 47.79 21.11
C VAL B 83 -10.49 47.01 19.87
N GLY B 84 -10.65 47.60 18.71
CA GLY B 84 -10.34 46.89 17.49
C GLY B 84 -8.90 46.47 17.35
N THR B 85 -8.00 47.34 17.76
CA THR B 85 -6.59 47.13 17.63
C THR B 85 -6.17 45.97 18.49
N ALA B 86 -6.69 45.91 19.69
CA ALA B 86 -6.29 44.88 20.61
C ALA B 86 -6.88 43.55 20.13
N ALA B 87 -8.06 43.64 19.57
CA ALA B 87 -8.71 42.46 19.08
C ALA B 87 -7.83 41.83 17.96
N MET B 88 -7.25 42.68 17.13
CA MET B 88 -6.53 42.24 15.98
C MET B 88 -5.22 41.68 16.46
N LEU B 89 -4.61 42.30 17.49
CA LEU B 89 -3.41 41.80 18.14
C LEU B 89 -3.61 40.43 18.75
N LEU B 90 -4.71 40.27 19.43
CA LEU B 90 -4.99 38.99 20.01
C LEU B 90 -5.21 37.96 18.91
N ALA B 91 -5.95 38.33 17.87
CA ALA B 91 -6.12 37.38 16.76
C ALA B 91 -4.78 37.03 16.10
N SER B 92 -3.89 38.01 15.95
CA SER B 92 -2.61 37.76 15.34
C SER B 92 -1.78 36.74 16.18
N LYS B 93 -1.78 36.93 17.49
CA LYS B 93 -1.10 36.07 18.42
C LYS B 93 -1.64 34.63 18.38
N PHE B 94 -2.95 34.47 18.23
CA PHE B 94 -3.56 33.16 18.09
C PHE B 94 -3.19 32.45 16.81
N GLU B 95 -3.34 33.16 15.69
CA GLU B 95 -3.43 32.58 14.33
C GLU B 95 -2.15 32.68 13.47
N GLU B 96 -1.37 33.73 13.70
CA GLU B 96 -0.27 34.07 12.80
C GLU B 96 1.05 33.40 13.23
N ILE B 97 1.79 32.90 12.26
CA ILE B 97 3.15 32.44 12.56
C ILE B 97 4.00 33.63 13.08
N TYR B 98 3.86 34.77 12.40
CA TYR B 98 4.64 35.96 12.74
C TYR B 98 3.76 37.15 13.04
N PRO B 99 3.23 37.23 14.21
CA PRO B 99 2.38 38.37 14.49
C PRO B 99 3.22 39.65 14.50
N PRO B 100 2.59 40.74 14.10
CA PRO B 100 3.21 42.05 14.24
C PRO B 100 3.38 42.35 15.70
N GLU B 101 4.40 43.08 16.01
CA GLU B 101 4.70 43.32 17.39
C GLU B 101 3.80 44.46 17.88
N VAL B 102 3.68 44.60 19.19
CA VAL B 102 2.77 45.63 19.69
C VAL B 102 3.01 47.03 19.10
N ALA B 103 4.25 47.44 18.90
CA ALA B 103 4.55 48.80 18.43
C ALA B 103 3.91 49.00 17.08
N GLU B 104 3.92 47.93 16.31
CA GLU B 104 3.38 48.06 14.99
C GLU B 104 1.92 48.42 15.09
N PHE B 105 1.22 47.84 16.06
CA PHE B 105 -0.21 48.05 16.17
C PHE B 105 -0.49 49.49 16.64
N VAL B 106 0.38 50.00 17.51
CA VAL B 106 0.36 51.36 17.99
C VAL B 106 0.54 52.32 16.82
N TYR B 107 1.57 52.05 16.02
CA TYR B 107 1.87 52.76 14.79
C TYR B 107 0.74 52.84 13.75
N ILE B 108 0.00 51.77 13.49
CA ILE B 108 -1.04 51.89 12.48
C ILE B 108 -2.24 52.69 12.98
N THR B 109 -2.32 52.99 14.26
CA THR B 109 -3.33 53.94 14.71
C THR B 109 -2.88 55.42 14.60
N ASP B 110 -1.67 55.68 14.11
CA ASP B 110 -1.07 57.01 14.05
C ASP B 110 -0.94 57.58 15.45
N ASP B 111 -0.35 56.76 16.32
CA ASP B 111 -0.04 57.14 17.68
C ASP B 111 -1.25 57.73 18.36
N THR B 112 -2.43 57.19 18.05
CA THR B 112 -3.63 57.53 18.78
C THR B 112 -3.68 57.01 20.21
N TYR B 113 -3.16 55.82 20.43
CA TYR B 113 -3.18 55.19 21.75
C TYR B 113 -1.76 54.80 22.09
N THR B 114 -1.42 54.75 23.36
CA THR B 114 -0.08 54.29 23.73
C THR B 114 0.00 52.77 23.77
N LYS B 115 1.23 52.27 23.80
CA LYS B 115 1.48 50.87 23.93
C LYS B 115 0.81 50.30 25.21
N LYS B 116 0.83 51.08 26.27
CA LYS B 116 0.24 50.70 27.51
C LYS B 116 -1.26 50.49 27.41
N GLN B 117 -1.92 51.36 26.64
CA GLN B 117 -3.34 51.27 26.45
C GLN B 117 -3.67 50.01 25.66
N VAL B 118 -2.89 49.72 24.63
CA VAL B 118 -3.17 48.60 23.81
C VAL B 118 -3.06 47.33 24.63
N LEU B 119 -1.96 47.20 25.35
CA LEU B 119 -1.74 46.10 26.24
C LEU B 119 -2.81 45.97 27.34
N ARG B 120 -3.31 47.10 27.84
CA ARG B 120 -4.34 47.02 28.86
C ARG B 120 -5.63 46.53 28.25
N MET B 121 -5.92 47.01 27.05
CA MET B 121 -7.14 46.62 26.38
C MET B 121 -7.04 45.14 25.99
N GLU B 122 -5.86 44.71 25.56
CA GLU B 122 -5.64 43.27 25.34
C GLU B 122 -6.15 42.42 26.56
N HIS B 123 -5.67 42.78 27.72
CA HIS B 123 -6.00 42.13 28.96
C HIS B 123 -7.50 42.19 29.26
N LEU B 124 -8.07 43.37 29.08
CA LEU B 124 -9.49 43.52 29.26
C LEU B 124 -10.24 42.63 28.32
N VAL B 125 -9.87 42.62 27.05
CA VAL B 125 -10.55 41.75 26.08
C VAL B 125 -10.45 40.26 26.43
N LEU B 126 -9.27 39.82 26.89
CA LEU B 126 -9.08 38.44 27.28
C LEU B 126 -9.97 38.13 28.43
N LYS B 127 -10.13 39.11 29.32
CA LYS B 127 -11.01 38.89 30.44
C LYS B 127 -12.46 38.78 29.97
N VAL B 128 -12.90 39.70 29.14
CA VAL B 128 -14.32 39.73 28.89
C VAL B 128 -14.73 38.52 28.07
N LEU B 129 -13.82 38.07 27.24
CA LEU B 129 -14.01 36.91 26.43
C LEU B 129 -13.64 35.60 27.16
N THR B 130 -13.18 35.69 28.42
CA THR B 130 -12.66 34.56 29.24
C THR B 130 -11.70 33.60 28.46
N PHE B 131 -10.85 34.25 27.69
CA PHE B 131 -9.81 33.61 26.97
C PHE B 131 -10.36 32.69 25.87
N ASP B 132 -11.63 32.80 25.51
CA ASP B 132 -12.16 31.88 24.55
C ASP B 132 -11.96 32.38 23.16
N LEU B 133 -10.81 32.09 22.59
CA LEU B 133 -10.42 32.68 21.35
C LEU B 133 -10.58 31.79 20.12
N ALA B 134 -10.76 30.51 20.32
CA ALA B 134 -10.76 29.58 19.21
C ALA B 134 -12.14 29.51 18.55
N ALA B 135 -12.55 30.56 17.89
CA ALA B 135 -13.92 30.66 17.41
C ALA B 135 -13.94 30.33 15.94
N PRO B 136 -15.00 29.64 15.55
CA PRO B 136 -15.19 29.27 14.17
C PRO B 136 -15.47 30.49 13.35
N THR B 137 -15.01 30.49 12.13
CA THR B 137 -15.23 31.64 11.26
C THR B 137 -15.91 31.20 10.00
N VAL B 138 -16.33 32.19 9.23
CA VAL B 138 -16.83 31.95 7.91
C VAL B 138 -15.73 31.29 7.08
N ASN B 139 -14.51 31.74 7.33
CA ASN B 139 -13.38 31.24 6.63
C ASN B 139 -13.15 29.74 6.85
N GLN B 140 -13.18 29.32 8.10
CA GLN B 140 -13.09 27.90 8.42
C GLN B 140 -14.17 27.02 7.75
N PHE B 141 -15.38 27.54 7.57
CA PHE B 141 -16.41 26.77 6.88
C PHE B 141 -16.21 26.68 5.37
N LEU B 142 -15.87 27.80 4.73
CA LEU B 142 -15.65 27.89 3.28
C LEU B 142 -14.60 26.88 2.81
N THR B 143 -13.54 26.82 3.57
CA THR B 143 -12.36 26.04 3.36
C THR B 143 -12.74 24.55 3.28
N GLN B 144 -13.61 24.11 4.18
CA GLN B 144 -14.16 22.78 4.10
C GLN B 144 -15.11 22.63 2.94
N TYR B 145 -15.98 23.63 2.73
CA TYR B 145 -16.90 23.57 1.64
C TYR B 145 -16.12 23.51 0.30
N PHE B 146 -15.00 24.21 0.21
CA PHE B 146 -14.18 24.14 -1.00
C PHE B 146 -13.77 22.71 -1.44
N LEU B 147 -13.58 21.80 -0.49
CA LEU B 147 -13.25 20.43 -0.82
C LEU B 147 -14.35 19.73 -1.65
N HIS B 148 -15.51 20.36 -1.75
CA HIS B 148 -16.58 19.73 -2.47
C HIS B 148 -16.67 20.18 -3.91
N GLN B 149 -15.67 20.93 -4.37
CA GLN B 149 -15.65 21.34 -5.75
C GLN B 149 -15.23 20.23 -6.69
N GLN B 150 -15.96 20.13 -7.78
CA GLN B 150 -15.65 19.16 -8.80
C GLN B 150 -15.60 19.80 -10.19
N PRO B 151 -14.40 20.14 -10.64
CA PRO B 151 -13.19 20.09 -9.81
C PRO B 151 -12.91 21.45 -9.16
N ALA B 152 -11.71 21.61 -8.58
CA ALA B 152 -11.33 22.84 -7.92
C ALA B 152 -11.27 24.01 -8.91
N ASN B 153 -11.83 25.15 -8.50
CA ASN B 153 -11.79 26.37 -9.27
C ASN B 153 -11.38 27.59 -8.44
N CYS B 154 -10.22 28.12 -8.77
CA CYS B 154 -9.63 29.16 -7.97
C CYS B 154 -10.42 30.47 -7.94
N LYS B 155 -11.16 30.77 -9.01
CA LYS B 155 -12.02 31.95 -9.04
C LYS B 155 -13.19 31.84 -8.05
N VAL B 156 -13.86 30.69 -8.02
CA VAL B 156 -14.91 30.42 -7.05
C VAL B 156 -14.39 30.56 -5.62
N GLU B 157 -13.27 29.95 -5.31
CA GLU B 157 -12.73 30.03 -3.97
C GLU B 157 -12.49 31.49 -3.58
N SER B 158 -11.71 32.17 -4.41
CA SER B 158 -11.38 33.55 -4.16
C SER B 158 -12.63 34.46 -4.09
N LEU B 159 -13.61 34.22 -4.93
CA LEU B 159 -14.86 34.96 -4.89
C LEU B 159 -15.72 34.67 -3.64
N ALA B 160 -15.75 33.43 -3.22
CA ALA B 160 -16.48 33.09 -2.01
C ALA B 160 -15.85 33.78 -0.78
N MET B 161 -14.52 33.78 -0.71
CA MET B 161 -13.77 34.49 0.31
C MET B 161 -14.14 35.93 0.39
N PHE B 162 -14.19 36.54 -0.79
CA PHE B 162 -14.52 37.92 -1.00
C PHE B 162 -15.87 38.25 -0.39
N LEU B 163 -16.84 37.45 -0.75
CA LEU B 163 -18.18 37.68 -0.31
C LEU B 163 -18.29 37.51 1.21
N GLY B 164 -17.69 36.44 1.71
CA GLY B 164 -17.73 36.16 3.11
C GLY B 164 -17.10 37.34 3.77
N GLU B 165 -16.08 37.90 3.18
CA GLU B 165 -15.41 39.00 3.80
C GLU B 165 -16.31 40.28 3.83
N LEU B 166 -17.07 40.51 2.76
CA LEU B 166 -17.96 41.65 2.73
C LEU B 166 -18.96 41.61 3.88
N SER B 167 -19.42 40.41 4.23
CA SER B 167 -20.39 40.23 5.32
C SER B 167 -19.88 40.73 6.67
N LEU B 168 -18.59 40.79 6.84
CA LEU B 168 -17.99 41.29 8.06
C LEU B 168 -18.27 42.75 8.30
N ILE B 169 -18.38 43.50 7.21
CA ILE B 169 -18.58 44.92 7.27
C ILE B 169 -19.95 45.35 7.83
N ASP B 170 -21.01 44.64 7.55
CA ASP B 170 -22.33 45.11 7.92
C ASP B 170 -23.03 44.26 9.03
N ALA B 171 -23.03 44.76 10.27
CA ALA B 171 -23.69 44.05 11.38
C ALA B 171 -25.16 43.79 11.07
N ASP B 172 -25.75 44.73 10.39
CA ASP B 172 -27.08 44.56 9.86
C ASP B 172 -26.93 44.34 8.36
N PRO B 173 -27.26 43.19 7.84
CA PRO B 173 -27.91 42.12 8.57
C PRO B 173 -27.01 40.96 9.05
N TYR B 174 -25.70 41.00 8.84
CA TYR B 174 -24.96 39.72 8.86
C TYR B 174 -24.77 39.10 10.26
N LEU B 175 -24.90 39.90 11.30
CA LEU B 175 -24.88 39.39 12.63
C LEU B 175 -25.98 38.41 12.93
N LYS B 176 -27.10 38.49 12.22
CA LYS B 176 -28.17 37.47 12.34
C LYS B 176 -27.71 36.06 11.91
N TYR B 177 -26.73 35.98 11.03
CA TYR B 177 -26.37 34.68 10.46
C TYR B 177 -25.12 34.04 11.08
N LEU B 178 -25.20 32.74 11.28
CA LEU B 178 -24.04 31.95 11.68
C LEU B 178 -22.98 31.89 10.55
N PRO B 179 -21.72 31.75 10.95
CA PRO B 179 -20.62 31.57 10.01
C PRO B 179 -20.84 30.50 8.98
N SER B 180 -21.35 29.33 9.37
CA SER B 180 -21.60 28.22 8.47
C SER B 180 -22.64 28.49 7.36
N VAL B 181 -23.66 29.24 7.70
CA VAL B 181 -24.69 29.69 6.78
C VAL B 181 -24.20 30.79 5.87
N ILE B 182 -23.45 31.75 6.39
CA ILE B 182 -22.88 32.78 5.54
C ILE B 182 -21.91 32.17 4.54
N ALA B 183 -21.13 31.22 5.03
CA ALA B 183 -20.19 30.51 4.18
C ALA B 183 -20.95 29.76 3.10
N GLY B 184 -22.12 29.23 3.44
CA GLY B 184 -22.93 28.49 2.49
C GLY B 184 -23.43 29.35 1.36
N ALA B 185 -24.00 30.47 1.76
CA ALA B 185 -24.43 31.48 0.86
C ALA B 185 -23.33 31.97 -0.03
N ALA B 186 -22.17 32.26 0.55
CA ALA B 186 -21.10 32.82 -0.24
C ALA B 186 -20.57 31.76 -1.20
N PHE B 187 -20.52 30.51 -0.73
CA PHE B 187 -20.05 29.49 -1.59
C PHE B 187 -20.96 29.33 -2.79
N HIS B 188 -22.25 29.19 -2.55
CA HIS B 188 -23.21 29.02 -3.62
C HIS B 188 -23.17 30.19 -4.59
N LEU B 189 -23.05 31.39 -4.05
CA LEU B 189 -23.15 32.58 -4.83
C LEU B 189 -21.95 32.68 -5.76
N ALA B 190 -20.81 32.24 -5.27
CA ALA B 190 -19.58 32.30 -6.03
C ALA B 190 -19.59 31.24 -7.11
N LEU B 191 -20.09 30.08 -6.77
CA LEU B 191 -20.06 28.99 -7.72
C LEU B 191 -20.98 29.34 -8.87
N TYR B 192 -22.13 29.91 -8.56
CA TYR B 192 -23.12 30.24 -9.55
C TYR B 192 -22.64 31.35 -10.49
N THR B 193 -21.98 32.33 -9.91
CA THR B 193 -21.46 33.46 -10.65
C THR B 193 -20.43 33.06 -11.71
N VAL B 194 -19.55 32.14 -11.34
CA VAL B 194 -18.44 31.73 -12.18
C VAL B 194 -18.80 30.60 -13.13
N THR B 195 -19.51 29.58 -12.65
CA THR B 195 -19.75 28.33 -13.40
C THR B 195 -21.22 28.07 -13.76
N GLY B 196 -22.12 28.77 -13.09
CA GLY B 196 -23.53 28.46 -13.21
C GLY B 196 -23.97 27.30 -12.34
N GLN B 197 -23.04 26.63 -11.67
CA GLN B 197 -23.39 25.47 -10.85
C GLN B 197 -23.99 25.94 -9.53
N SER B 198 -24.47 25.00 -8.73
CA SER B 198 -25.21 25.34 -7.52
C SER B 198 -24.71 24.58 -6.32
N TRP B 199 -25.12 25.02 -5.15
CA TRP B 199 -24.92 24.30 -3.92
C TRP B 199 -25.07 22.80 -4.15
N PRO B 200 -24.00 22.06 -4.04
CA PRO B 200 -24.02 20.63 -4.39
C PRO B 200 -24.64 19.75 -3.34
N GLU B 201 -25.22 18.69 -3.87
CA GLU B 201 -25.90 17.69 -3.11
C GLU B 201 -25.02 17.18 -1.99
N SER B 202 -23.72 17.01 -2.29
CA SER B 202 -22.74 16.59 -1.30
C SER B 202 -22.67 17.52 -0.05
N LEU B 203 -22.92 18.80 -0.22
CA LEU B 203 -22.88 19.71 0.91
C LEU B 203 -24.24 19.72 1.66
N ILE B 204 -25.28 19.36 0.95
CA ILE B 204 -26.57 19.20 1.58
C ILE B 204 -26.42 18.09 2.57
N ARG B 205 -25.69 17.06 2.19
CA ARG B 205 -25.52 15.90 3.07
C ARG B 205 -24.64 16.25 4.22
N LYS B 206 -23.55 16.93 3.95
CA LYS B 206 -22.62 17.33 5.00
C LYS B 206 -23.30 18.30 5.99
N THR B 207 -23.97 19.31 5.47
CA THR B 207 -24.36 20.44 6.28
C THR B 207 -25.77 20.33 6.73
N GLY B 208 -26.56 19.69 5.89
CA GLY B 208 -28.01 19.67 6.08
C GLY B 208 -28.65 20.96 5.64
N TYR B 209 -27.88 21.89 5.15
CA TYR B 209 -28.44 23.09 4.56
C TYR B 209 -28.86 22.85 3.11
N THR B 210 -29.94 23.50 2.68
CA THR B 210 -30.38 23.53 1.29
C THR B 210 -30.40 24.97 0.78
N LEU B 211 -30.60 25.15 -0.52
CA LEU B 211 -30.79 26.49 -1.06
C LEU B 211 -31.95 27.14 -0.33
N GLU B 212 -32.91 26.33 0.08
CA GLU B 212 -34.06 26.84 0.81
C GLU B 212 -33.63 27.38 2.16
N SER B 213 -32.81 26.63 2.87
CA SER B 213 -32.43 27.11 4.19
C SER B 213 -31.52 28.31 4.06
N LEU B 214 -30.75 28.34 2.99
CA LEU B 214 -29.76 29.38 2.74
C LEU B 214 -30.36 30.72 2.16
N LYS B 215 -31.57 30.64 1.61
CA LYS B 215 -32.18 31.71 0.83
C LYS B 215 -32.11 33.10 1.52
N PRO B 216 -32.59 33.19 2.75
CA PRO B 216 -32.53 34.47 3.46
C PRO B 216 -31.12 35.11 3.45
N CYS B 217 -30.12 34.38 3.90
CA CYS B 217 -28.78 34.92 3.88
C CYS B 217 -28.36 35.19 2.43
N LEU B 218 -28.63 34.25 1.56
CA LEU B 218 -28.34 34.41 0.16
C LEU B 218 -29.02 35.65 -0.49
N MET B 219 -30.29 35.91 -0.18
CA MET B 219 -30.90 37.14 -0.68
C MET B 219 -30.10 38.33 -0.22
N ASP B 220 -29.75 38.36 1.05
CA ASP B 220 -29.04 39.50 1.58
C ASP B 220 -27.71 39.63 0.87
N LEU B 221 -26.95 38.55 0.81
CA LEU B 221 -25.59 38.60 0.29
C LEU B 221 -25.54 39.01 -1.17
N HIS B 222 -26.56 38.61 -1.92
CA HIS B 222 -26.72 39.00 -3.30
C HIS B 222 -26.88 40.48 -3.44
N GLN B 223 -27.75 41.07 -2.62
CA GLN B 223 -27.87 42.52 -2.60
C GLN B 223 -26.53 43.14 -2.29
N THR B 224 -25.88 42.62 -1.25
CA THR B 224 -24.63 43.21 -0.84
C THR B 224 -23.64 43.21 -1.99
N TYR B 225 -23.62 42.11 -2.74
CA TYR B 225 -22.73 41.93 -3.89
C TYR B 225 -23.09 42.87 -5.07
N LEU B 226 -24.38 43.04 -5.33
CA LEU B 226 -24.83 44.00 -6.31
C LEU B 226 -24.40 45.44 -5.96
N LYS B 227 -24.54 45.82 -4.69
CA LYS B 227 -24.35 47.18 -4.24
C LYS B 227 -22.92 47.47 -3.74
N ALA B 228 -22.02 46.52 -3.95
CA ALA B 228 -20.72 46.60 -3.32
C ALA B 228 -19.89 47.79 -3.81
N PRO B 229 -19.91 48.06 -5.11
CA PRO B 229 -19.23 49.24 -5.64
C PRO B 229 -19.72 50.58 -5.13
N GLN B 230 -20.96 50.69 -4.66
CA GLN B 230 -21.49 51.92 -4.06
C GLN B 230 -21.27 51.99 -2.53
N HIS B 231 -20.97 50.87 -1.88
CA HIS B 231 -20.76 50.84 -0.44
C HIS B 231 -19.72 51.87 0.02
N ALA B 232 -20.07 52.61 1.06
CA ALA B 232 -19.16 53.60 1.65
C ALA B 232 -17.76 53.01 2.00
N GLN B 233 -17.71 51.75 2.40
CA GLN B 233 -16.45 51.07 2.66
C GLN B 233 -15.98 50.19 1.43
N GLN B 234 -14.73 50.35 0.99
CA GLN B 234 -14.27 49.80 -0.30
C GLN B 234 -12.94 48.98 -0.19
N SER B 235 -12.36 48.94 1.00
CA SER B 235 -11.08 48.26 1.16
C SER B 235 -11.08 46.80 0.70
N ILE B 236 -12.19 46.10 0.97
CA ILE B 236 -12.29 44.73 0.54
C ILE B 236 -12.35 44.58 -0.97
N ARG B 237 -13.18 45.36 -1.66
CA ARG B 237 -13.12 45.42 -3.13
C ARG B 237 -11.70 45.66 -3.66
N GLU B 238 -11.02 46.70 -3.16
CA GLU B 238 -9.61 46.96 -3.51
C GLU B 238 -8.70 45.76 -3.25
N LYS B 239 -8.76 45.18 -2.05
CA LYS B 239 -7.99 44.01 -1.72
C LYS B 239 -8.22 42.89 -2.74
N TYR B 240 -9.46 42.64 -3.15
CA TYR B 240 -9.69 41.51 -4.03
C TYR B 240 -9.54 41.83 -5.55
N LYS B 241 -8.94 42.98 -5.85
CA LYS B 241 -8.52 43.35 -7.20
C LYS B 241 -7.18 42.66 -7.49
N ASN B 242 -6.41 42.40 -6.43
CA ASN B 242 -5.08 41.85 -6.58
C ASN B 242 -5.08 40.43 -7.13
N SER B 243 -4.02 40.13 -7.86
CA SER B 243 -3.78 38.82 -8.47
C SER B 243 -3.81 37.68 -7.48
N LYS B 244 -3.33 37.92 -6.27
CA LYS B 244 -3.29 36.89 -5.27
C LYS B 244 -4.68 36.28 -5.08
N TYR B 245 -5.70 37.07 -5.40
CA TYR B 245 -7.07 36.60 -5.30
C TYR B 245 -7.76 36.53 -6.64
N HIS B 246 -6.99 36.47 -7.71
CA HIS B 246 -7.53 36.30 -9.05
C HIS B 246 -8.50 37.41 -9.45
N GLY B 247 -8.30 38.62 -8.93
CA GLY B 247 -9.04 39.79 -9.33
C GLY B 247 -10.55 39.63 -9.27
N VAL B 248 -11.07 38.73 -8.41
CA VAL B 248 -12.47 38.39 -8.38
C VAL B 248 -13.42 39.56 -8.10
N SER B 249 -12.91 40.63 -7.51
CA SER B 249 -13.81 41.75 -7.20
C SER B 249 -14.18 42.49 -8.46
N LEU B 250 -13.45 42.18 -9.51
CA LEU B 250 -13.78 42.74 -10.83
C LEU B 250 -14.87 41.97 -11.59
N LEU B 251 -15.16 40.73 -11.21
CA LEU B 251 -16.23 39.97 -11.84
C LEU B 251 -17.60 40.60 -11.60
N ASN B 252 -18.47 40.42 -12.59
CA ASN B 252 -19.78 41.04 -12.52
C ASN B 252 -20.71 40.12 -11.78
N PRO B 253 -21.39 40.67 -10.78
CA PRO B 253 -22.44 39.92 -10.11
C PRO B 253 -23.59 39.60 -11.08
N PRO B 254 -24.21 38.44 -10.87
CA PRO B 254 -25.38 38.03 -11.64
C PRO B 254 -26.57 38.89 -11.24
N GLU B 255 -27.34 39.31 -12.22
CA GLU B 255 -28.43 40.19 -11.92
C GLU B 255 -29.57 39.45 -11.21
N THR B 256 -29.70 38.16 -11.46
CA THR B 256 -30.70 37.36 -10.75
C THR B 256 -30.14 36.04 -10.28
N LEU B 257 -30.72 35.49 -9.22
CA LEU B 257 -30.28 34.22 -8.69
C LEU B 257 -31.14 33.09 -9.13
N ASN B 258 -32.29 33.41 -9.70
CA ASN B 258 -33.22 32.39 -10.19
C ASN B 258 -33.53 31.39 -9.08
N LEU B 259 -34.06 31.90 -7.98
CA LEU B 259 -34.47 31.04 -6.89
C LEU B 259 -35.98 31.02 -6.78
N SER C 5 36.86 -29.37 -14.32
CA SER C 5 35.37 -29.30 -14.13
C SER C 5 34.74 -30.70 -13.87
N MET C 6 35.00 -31.65 -14.76
CA MET C 6 34.73 -33.05 -14.49
C MET C 6 35.93 -33.86 -13.94
N GLU C 7 37.04 -33.19 -13.69
CA GLU C 7 38.19 -33.76 -13.01
C GLU C 7 37.84 -34.58 -11.74
N ASN C 8 36.81 -34.19 -11.00
CA ASN C 8 36.51 -34.95 -9.77
C ASN C 8 35.75 -36.28 -9.98
N PHE C 9 35.35 -36.56 -11.22
CA PHE C 9 34.56 -37.73 -11.48
C PHE C 9 35.32 -38.83 -12.25
N GLN C 10 35.21 -40.05 -11.74
CA GLN C 10 35.77 -41.22 -12.44
C GLN C 10 34.66 -42.09 -13.02
N LYS C 11 34.76 -42.35 -14.32
CA LYS C 11 33.86 -43.29 -14.95
C LYS C 11 34.08 -44.71 -14.41
N VAL C 12 32.96 -45.40 -14.19
CA VAL C 12 33.00 -46.77 -13.72
C VAL C 12 32.48 -47.64 -14.84
N GLU C 13 31.35 -47.23 -15.42
CA GLU C 13 30.78 -47.91 -16.57
C GLU C 13 29.51 -47.25 -17.15
N LYS C 14 29.11 -47.69 -18.34
CA LYS C 14 27.91 -47.18 -18.97
C LYS C 14 26.69 -47.84 -18.33
N ILE C 15 25.70 -47.05 -17.95
CA ILE C 15 24.52 -47.63 -17.33
C ILE C 15 23.44 -47.89 -18.39
N GLY C 16 22.98 -46.81 -18.99
CA GLY C 16 22.01 -46.91 -20.05
C GLY C 16 22.13 -45.80 -21.05
N GLU C 17 21.16 -45.75 -21.92
CA GLU C 17 20.97 -44.64 -22.79
C GLU C 17 19.45 -44.62 -22.96
N GLY C 18 18.79 -43.73 -22.25
CA GLY C 18 17.39 -43.48 -22.52
C GLY C 18 17.14 -41.99 -22.62
N THR C 19 16.61 -41.55 -23.75
CA THR C 19 16.11 -40.19 -23.92
C THR C 19 17.16 -39.11 -24.26
N TYR C 20 18.36 -39.17 -23.67
CA TYR C 20 19.49 -38.34 -24.11
C TYR C 20 20.77 -39.19 -24.18
N GLY C 21 21.80 -38.71 -24.85
CA GLY C 21 23.00 -39.54 -25.03
C GLY C 21 23.56 -40.04 -23.70
N VAL C 22 24.09 -41.26 -23.69
CA VAL C 22 24.80 -41.84 -22.53
C VAL C 22 24.46 -41.34 -21.08
N VAL C 23 24.13 -42.32 -20.23
CA VAL C 23 24.15 -42.14 -18.80
C VAL C 23 25.20 -43.10 -18.29
N TYR C 24 26.18 -42.56 -17.55
CA TYR C 24 27.23 -43.33 -16.88
C TYR C 24 27.13 -43.37 -15.37
N LYS C 25 27.82 -44.35 -14.82
CA LYS C 25 28.02 -44.47 -13.39
C LYS C 25 29.42 -43.96 -13.16
N ALA C 26 29.53 -43.06 -12.20
CA ALA C 26 30.81 -42.49 -11.93
C ALA C 26 30.96 -42.33 -10.44
N ARG C 27 32.16 -41.95 -10.06
CA ARG C 27 32.50 -41.79 -8.68
C ARG C 27 33.30 -40.51 -8.38
N ASN C 28 32.79 -39.78 -7.42
CA ASN C 28 33.42 -38.54 -6.97
C ASN C 28 34.66 -38.98 -6.23
N LYS C 29 35.82 -38.62 -6.71
CA LYS C 29 37.07 -39.10 -6.10
C LYS C 29 37.34 -38.46 -4.70
N LEU C 30 36.75 -37.31 -4.45
CA LEU C 30 36.95 -36.68 -3.16
C LEU C 30 35.92 -37.14 -2.10
N THR C 31 34.69 -37.42 -2.50
CA THR C 31 33.70 -37.63 -1.47
C THR C 31 33.41 -39.08 -1.36
N GLY C 32 33.78 -39.83 -2.38
CA GLY C 32 33.37 -41.22 -2.49
C GLY C 32 31.96 -41.51 -3.03
N GLU C 33 31.16 -40.48 -3.23
CA GLU C 33 29.82 -40.65 -3.71
C GLU C 33 29.76 -41.26 -5.11
N VAL C 34 28.83 -42.16 -5.26
CA VAL C 34 28.62 -42.78 -6.53
C VAL C 34 27.47 -42.07 -7.14
N VAL C 35 27.63 -41.71 -8.40
CA VAL C 35 26.62 -40.97 -9.10
C VAL C 35 26.27 -41.53 -10.48
N ALA C 36 25.15 -41.06 -11.01
CA ALA C 36 24.83 -41.30 -12.38
C ALA C 36 24.93 -39.99 -13.18
N LEU C 37 25.81 -39.96 -14.17
CA LEU C 37 26.08 -38.78 -14.97
C LEU C 37 25.47 -38.90 -16.33
N LYS C 38 24.57 -37.97 -16.63
CA LYS C 38 23.95 -37.94 -17.93
C LYS C 38 24.63 -36.87 -18.77
N LYS C 39 25.30 -37.32 -19.83
CA LYS C 39 26.05 -36.45 -20.72
C LYS C 39 25.18 -36.07 -21.92
N ILE C 40 25.08 -34.76 -22.17
CA ILE C 40 24.17 -34.21 -23.14
C ILE C 40 24.98 -33.31 -24.02
N ARG C 41 25.20 -33.70 -25.26
CA ARG C 41 26.05 -32.92 -26.14
C ARG C 41 25.30 -31.69 -26.66
N LEU C 42 26.03 -30.59 -26.75
CA LEU C 42 25.39 -29.37 -27.22
C LEU C 42 25.55 -29.03 -28.75
N ASP C 43 26.69 -29.26 -29.34
CA ASP C 43 27.32 -28.25 -30.24
C ASP C 43 26.56 -26.93 -30.49
N THR C 44 27.34 -25.87 -30.47
CA THR C 44 26.77 -24.56 -30.74
C THR C 44 26.15 -24.30 -32.06
N GLU C 45 26.82 -24.57 -33.15
CA GLU C 45 26.40 -24.03 -34.44
C GLU C 45 25.05 -24.47 -35.02
N THR C 46 24.20 -25.12 -34.24
CA THR C 46 23.16 -26.04 -34.72
C THR C 46 21.83 -25.61 -34.05
N GLU C 47 21.42 -26.33 -33.02
CA GLU C 47 20.16 -26.08 -32.44
C GLU C 47 20.27 -25.76 -30.93
N GLY C 48 21.49 -25.72 -30.40
CA GLY C 48 21.75 -25.43 -28.99
C GLY C 48 21.26 -26.48 -27.99
N VAL C 49 20.86 -26.03 -26.79
CA VAL C 49 20.46 -26.93 -25.70
C VAL C 49 19.12 -27.53 -26.05
N PRO C 50 19.06 -28.84 -26.06
CA PRO C 50 17.84 -29.55 -26.43
C PRO C 50 16.72 -29.22 -25.48
N SER C 51 15.52 -29.10 -26.02
CA SER C 51 14.33 -28.86 -25.24
C SER C 51 14.08 -29.92 -24.15
N THR C 52 14.41 -31.17 -24.41
CA THR C 52 14.21 -32.21 -23.41
C THR C 52 15.10 -31.96 -22.19
N ALA C 53 16.32 -31.49 -22.40
CA ALA C 53 17.19 -31.26 -21.25
C ALA C 53 16.72 -30.01 -20.47
N ILE C 54 16.33 -28.98 -21.21
CA ILE C 54 15.78 -27.80 -20.59
C ILE C 54 14.58 -28.12 -19.63
N ARG C 55 13.73 -29.02 -20.06
CA ARG C 55 12.60 -29.39 -19.27
C ARG C 55 12.98 -30.26 -18.04
N GLU C 56 13.79 -31.28 -18.27
CA GLU C 56 14.18 -32.24 -17.24
C GLU C 56 14.83 -31.46 -16.11
N ILE C 57 15.81 -30.63 -16.47
CA ILE C 57 16.55 -29.85 -15.49
C ILE C 57 15.63 -28.87 -14.79
N SER C 58 14.94 -28.01 -15.55
CA SER C 58 14.07 -27.02 -14.93
C SER C 58 13.03 -27.64 -14.05
N LEU C 59 12.41 -28.72 -14.50
CA LEU C 59 11.35 -29.32 -13.71
C LEU C 59 11.91 -30.06 -12.51
N LEU C 60 13.03 -30.76 -12.73
CA LEU C 60 13.56 -31.62 -11.72
C LEU C 60 14.12 -30.76 -10.58
N LYS C 61 14.45 -29.51 -10.88
CA LYS C 61 14.91 -28.57 -9.85
C LYS C 61 13.77 -28.11 -8.94
N GLU C 62 12.54 -28.17 -9.43
CA GLU C 62 11.34 -27.84 -8.68
C GLU C 62 10.71 -29.09 -8.06
N LEU C 63 11.39 -30.22 -8.07
CA LEU C 63 10.79 -31.47 -7.60
C LEU C 63 11.75 -32.16 -6.64
N ASN C 64 11.63 -31.86 -5.36
CA ASN C 64 12.50 -32.48 -4.41
C ASN C 64 11.56 -33.28 -3.54
N HIS C 65 11.59 -34.60 -3.72
CA HIS C 65 10.72 -35.51 -3.01
C HIS C 65 11.44 -36.83 -2.89
N PRO C 66 11.21 -37.57 -1.81
CA PRO C 66 11.98 -38.80 -1.56
C PRO C 66 11.76 -39.86 -2.66
N ASN C 67 10.65 -39.76 -3.39
CA ASN C 67 10.33 -40.67 -4.48
C ASN C 67 10.48 -40.06 -5.88
N ILE C 68 11.36 -39.07 -5.96
CA ILE C 68 11.78 -38.55 -7.23
C ILE C 68 13.29 -38.50 -7.31
N VAL C 69 13.85 -39.02 -8.38
CA VAL C 69 15.29 -38.94 -8.57
C VAL C 69 15.83 -37.54 -8.27
N LYS C 70 16.92 -37.49 -7.50
CA LYS C 70 17.58 -36.24 -7.15
C LYS C 70 18.60 -35.84 -8.19
N LEU C 71 18.39 -34.65 -8.77
CA LEU C 71 19.40 -33.95 -9.53
C LEU C 71 20.32 -33.17 -8.56
N LEU C 72 21.58 -33.57 -8.54
CA LEU C 72 22.56 -33.08 -7.55
C LEU C 72 23.35 -31.88 -8.06
N ASP C 73 23.59 -31.85 -9.37
CA ASP C 73 24.36 -30.78 -10.00
C ASP C 73 24.20 -30.73 -11.52
N VAL C 74 24.58 -29.56 -12.03
CA VAL C 74 24.56 -29.34 -13.44
C VAL C 74 25.86 -28.70 -13.80
N ILE C 75 26.65 -29.40 -14.60
CA ILE C 75 27.98 -28.92 -14.93
C ILE C 75 28.09 -28.49 -16.37
N HIS C 76 28.26 -27.19 -16.54
CA HIS C 76 27.72 -26.50 -17.70
C HIS C 76 28.91 -26.00 -18.42
N THR C 77 29.40 -26.80 -19.38
CA THR C 77 30.61 -26.55 -20.18
C THR C 77 30.20 -25.86 -21.50
N GLU C 78 31.18 -25.48 -22.32
CA GLU C 78 30.91 -24.82 -23.64
C GLU C 78 30.38 -25.81 -24.71
N ASN C 79 30.91 -27.02 -24.60
CA ASN C 79 30.69 -28.17 -25.49
C ASN C 79 29.60 -29.16 -24.98
N LYS C 80 29.60 -29.44 -23.67
CA LYS C 80 28.78 -30.50 -23.11
C LYS C 80 27.97 -30.11 -21.91
N LEU C 81 26.86 -30.79 -21.72
CA LEU C 81 26.06 -30.58 -20.52
C LEU C 81 26.06 -31.90 -19.73
N TYR C 82 26.50 -31.85 -18.47
CA TYR C 82 26.43 -33.03 -17.61
C TYR C 82 25.49 -32.88 -16.44
N LEU C 83 24.51 -33.76 -16.35
CA LEU C 83 23.58 -33.79 -15.23
C LEU C 83 24.08 -34.82 -14.21
N VAL C 84 24.30 -34.38 -12.98
CA VAL C 84 24.77 -35.23 -11.91
C VAL C 84 23.56 -35.63 -11.06
N PHE C 85 23.24 -36.91 -11.14
CA PHE C 85 22.12 -37.53 -10.46
C PHE C 85 22.63 -38.44 -9.36
N GLU C 86 21.79 -38.67 -8.36
CA GLU C 86 22.06 -39.73 -7.40
C GLU C 86 22.06 -41.06 -8.17
N PHE C 87 22.95 -41.96 -7.79
CA PHE C 87 22.98 -43.29 -8.35
C PHE C 87 22.08 -44.25 -7.58
N LEU C 88 21.10 -44.85 -8.25
CA LEU C 88 20.40 -45.94 -7.57
C LEU C 88 20.76 -47.32 -8.09
N HIS C 89 20.53 -48.33 -7.30
CA HIS C 89 20.92 -49.68 -7.68
C HIS C 89 20.52 -50.09 -9.14
N GLN C 90 19.27 -50.03 -9.53
CA GLN C 90 18.90 -50.46 -10.89
C GLN C 90 17.45 -50.05 -11.15
N ASP C 91 16.94 -50.30 -12.34
CA ASP C 91 15.54 -49.99 -12.64
C ASP C 91 14.62 -51.16 -12.24
N LEU C 92 13.34 -50.90 -12.24
CA LEU C 92 12.33 -51.86 -11.86
C LEU C 92 12.32 -53.06 -12.83
N LYS C 93 12.53 -52.79 -14.10
CA LYS C 93 12.56 -53.82 -15.12
C LYS C 93 13.63 -54.83 -14.84
N LYS C 94 14.79 -54.41 -14.41
CA LYS C 94 15.85 -55.38 -14.32
C LYS C 94 15.52 -56.28 -13.13
N PHE C 95 14.77 -55.69 -12.19
CA PHE C 95 14.40 -56.34 -10.95
C PHE C 95 13.25 -57.33 -11.23
N MET C 96 12.23 -56.88 -11.93
CA MET C 96 11.21 -57.79 -12.41
C MET C 96 11.85 -59.00 -13.12
N ASP C 97 12.60 -58.74 -14.19
CA ASP C 97 13.29 -59.80 -14.90
C ASP C 97 13.90 -60.70 -13.86
N ALA C 98 14.70 -60.13 -12.97
CA ALA C 98 15.50 -60.93 -12.05
C ALA C 98 14.58 -61.70 -11.11
N SER C 99 13.31 -61.29 -11.09
CA SER C 99 12.26 -61.96 -10.34
C SER C 99 11.27 -62.75 -11.23
N ALA C 100 11.70 -63.21 -12.41
CA ALA C 100 10.78 -63.99 -13.25
C ALA C 100 10.27 -65.24 -12.52
N LEU C 101 11.19 -66.13 -12.22
CA LEU C 101 10.83 -67.35 -11.54
C LEU C 101 10.34 -67.10 -10.08
N THR C 102 11.27 -66.70 -9.20
CA THR C 102 10.97 -66.45 -7.79
C THR C 102 9.71 -65.60 -7.57
N GLY C 103 9.42 -64.67 -8.46
CA GLY C 103 8.34 -63.72 -8.21
C GLY C 103 8.68 -62.66 -7.16
N ILE C 104 7.72 -61.77 -6.89
CA ILE C 104 7.93 -60.60 -6.04
C ILE C 104 6.91 -60.44 -4.91
N PRO C 105 7.38 -60.59 -3.69
CA PRO C 105 6.51 -60.51 -2.53
C PRO C 105 5.53 -59.35 -2.63
N LEU C 106 4.30 -59.58 -2.18
CA LEU C 106 3.21 -58.63 -2.37
C LEU C 106 3.42 -57.33 -1.60
N PRO C 107 4.08 -57.42 -0.45
CA PRO C 107 4.39 -56.22 0.34
C PRO C 107 5.25 -55.26 -0.45
N LEU C 108 6.40 -55.73 -0.94
CA LEU C 108 7.29 -54.92 -1.77
C LEU C 108 6.47 -54.17 -2.79
N ILE C 109 5.51 -54.87 -3.37
CA ILE C 109 4.75 -54.39 -4.48
C ILE C 109 3.93 -53.29 -3.93
N LYS C 110 3.50 -53.50 -2.69
CA LYS C 110 2.65 -52.52 -2.04
C LYS C 110 3.50 -51.31 -1.70
N SER C 111 4.73 -51.57 -1.30
CA SER C 111 5.65 -50.50 -0.96
C SER C 111 5.74 -49.70 -2.26
N TYR C 112 6.34 -50.32 -3.24
CA TYR C 112 6.61 -49.66 -4.50
C TYR C 112 5.43 -48.91 -5.11
N LEU C 113 4.25 -49.50 -5.11
CA LEU C 113 3.17 -48.77 -5.70
C LEU C 113 2.86 -47.52 -4.87
N PHE C 114 2.99 -47.65 -3.56
CA PHE C 114 2.58 -46.58 -2.65
C PHE C 114 3.56 -45.41 -2.85
N GLN C 115 4.84 -45.72 -2.80
CA GLN C 115 5.87 -44.75 -3.13
C GLN C 115 5.68 -44.08 -4.51
N LEU C 116 5.42 -44.89 -5.53
CA LEU C 116 5.38 -44.40 -6.89
C LEU C 116 4.30 -43.38 -6.89
N LEU C 117 3.27 -43.62 -6.10
CA LEU C 117 2.12 -42.75 -6.11
C LEU C 117 2.38 -41.49 -5.33
N GLN C 118 3.33 -41.56 -4.41
CA GLN C 118 3.69 -40.40 -3.61
C GLN C 118 4.47 -39.44 -4.49
N GLY C 119 5.29 -40.02 -5.39
CA GLY C 119 6.02 -39.25 -6.39
C GLY C 119 5.07 -38.59 -7.37
N LEU C 120 4.14 -39.37 -7.90
CA LEU C 120 3.29 -38.84 -8.95
C LEU C 120 2.43 -37.74 -8.36
N ALA C 121 1.89 -37.97 -7.16
CA ALA C 121 0.92 -37.05 -6.64
C ALA C 121 1.63 -35.70 -6.41
N PHE C 122 2.85 -35.79 -5.89
CA PHE C 122 3.75 -34.67 -5.80
C PHE C 122 4.03 -34.04 -7.17
N CYS C 123 4.29 -34.85 -8.19
CA CYS C 123 4.49 -34.29 -9.52
C CYS C 123 3.28 -33.50 -9.90
N HIS C 124 2.14 -34.16 -9.81
CA HIS C 124 0.89 -33.61 -10.32
C HIS C 124 0.49 -32.38 -9.47
N SER C 125 0.89 -32.43 -8.20
CA SER C 125 0.69 -31.32 -7.30
C SER C 125 1.43 -30.12 -7.78
N HIS C 126 2.52 -30.36 -8.50
CA HIS C 126 3.36 -29.23 -8.90
C HIS C 126 3.29 -29.00 -10.38
N ARG C 127 2.12 -29.36 -10.89
CA ARG C 127 1.75 -29.09 -12.24
C ARG C 127 2.74 -29.74 -13.19
N VAL C 128 3.20 -30.94 -12.87
CA VAL C 128 4.15 -31.61 -13.75
C VAL C 128 3.70 -32.98 -14.17
N LEU C 129 3.60 -33.16 -15.50
CA LEU C 129 3.30 -34.46 -16.13
C LEU C 129 4.58 -35.17 -16.47
N HIS C 130 4.68 -36.45 -16.14
CA HIS C 130 5.90 -37.21 -16.37
C HIS C 130 5.94 -37.74 -17.83
N ARG C 131 4.87 -38.43 -18.23
CA ARG C 131 4.56 -38.84 -19.63
C ARG C 131 5.39 -39.96 -20.18
N ASP C 132 6.23 -40.55 -19.34
CA ASP C 132 6.97 -41.72 -19.75
C ASP C 132 7.25 -42.66 -18.60
N LEU C 133 6.21 -43.02 -17.83
CA LEU C 133 6.35 -44.04 -16.78
C LEU C 133 6.38 -45.47 -17.29
N LYS C 134 7.45 -46.17 -16.95
CA LYS C 134 7.62 -47.58 -17.31
C LYS C 134 8.70 -48.11 -16.45
N PRO C 135 8.73 -49.40 -16.30
CA PRO C 135 9.64 -50.03 -15.34
C PRO C 135 11.09 -49.52 -15.53
N GLN C 136 11.50 -49.15 -16.76
CA GLN C 136 12.90 -48.86 -17.02
C GLN C 136 13.23 -47.43 -16.59
N ASN C 137 12.19 -46.66 -16.29
CA ASN C 137 12.34 -45.31 -15.82
C ASN C 137 12.10 -45.13 -14.30
N LEU C 138 12.15 -46.22 -13.55
CA LEU C 138 11.84 -46.18 -12.14
C LEU C 138 12.97 -46.89 -11.49
N LEU C 139 13.66 -46.22 -10.58
CA LEU C 139 14.85 -46.81 -10.01
C LEU C 139 14.60 -47.21 -8.59
N ILE C 140 15.35 -48.20 -8.12
CA ILE C 140 15.21 -48.69 -6.76
C ILE C 140 16.56 -48.80 -6.10
N ASN C 141 16.55 -48.69 -4.78
CA ASN C 141 17.77 -48.91 -4.02
C ASN C 141 17.69 -50.22 -3.26
N THR C 142 18.76 -50.56 -2.57
CA THR C 142 18.80 -51.81 -1.80
C THR C 142 18.11 -51.72 -0.45
N GLU C 143 17.35 -50.65 -0.20
CA GLU C 143 16.75 -50.44 1.12
C GLU C 143 15.22 -50.24 1.01
N GLY C 144 14.66 -50.52 -0.16
CA GLY C 144 13.22 -50.50 -0.30
C GLY C 144 12.63 -49.25 -0.88
N ALA C 145 13.49 -48.30 -1.25
CA ALA C 145 12.98 -47.15 -1.98
C ALA C 145 12.85 -47.40 -3.48
N ILE C 146 11.95 -46.64 -4.08
CA ILE C 146 11.85 -46.51 -5.53
C ILE C 146 11.44 -45.08 -5.93
N LYS C 147 11.94 -44.61 -7.08
CA LYS C 147 11.76 -43.21 -7.45
C LYS C 147 11.37 -42.98 -8.92
N LEU C 148 10.66 -41.90 -9.19
CA LEU C 148 10.41 -41.52 -10.55
C LEU C 148 11.71 -40.98 -11.14
N ALA C 149 12.15 -41.53 -12.27
CA ALA C 149 13.26 -40.93 -12.95
C ALA C 149 12.96 -40.71 -14.42
N ASP C 150 14.00 -40.33 -15.13
CA ASP C 150 13.92 -39.79 -16.51
C ASP C 150 12.73 -38.86 -16.83
N PHE C 151 12.93 -37.56 -16.61
CA PHE C 151 11.92 -36.55 -16.87
C PHE C 151 12.11 -35.89 -18.21
N GLY C 152 12.89 -36.52 -19.08
CA GLY C 152 13.12 -36.03 -20.42
C GLY C 152 11.86 -35.72 -21.21
N LEU C 153 10.79 -36.39 -20.86
CA LEU C 153 9.64 -36.31 -21.68
C LEU C 153 8.60 -35.58 -20.90
N ALA C 154 8.98 -35.07 -19.75
CA ALA C 154 8.02 -34.38 -18.86
C ALA C 154 7.61 -33.04 -19.43
N ARG C 155 6.52 -32.46 -18.92
CA ARG C 155 6.25 -31.04 -19.18
C ARG C 155 5.43 -30.42 -18.05
N ALA C 156 5.44 -29.10 -17.98
CA ALA C 156 4.73 -28.38 -16.96
C ALA C 156 3.40 -27.93 -17.52
N PHE C 157 2.31 -28.52 -17.03
CA PHE C 157 1.00 -28.22 -17.57
C PHE C 157 0.37 -26.99 -16.95
N GLY C 158 -0.70 -26.52 -17.58
CA GLY C 158 -1.47 -25.41 -17.05
C GLY C 158 -2.87 -25.90 -16.70
N VAL C 159 -3.64 -25.08 -15.98
CA VAL C 159 -4.99 -25.46 -15.55
C VAL C 159 -5.96 -24.39 -15.98
N PRO C 160 -6.87 -24.71 -16.90
CA PRO C 160 -7.00 -26.03 -17.55
C PRO C 160 -5.92 -26.43 -18.58
N VAL C 161 -5.82 -27.72 -18.92
CA VAL C 161 -4.71 -28.23 -19.75
C VAL C 161 -4.87 -27.92 -21.22
N ARG C 162 -3.77 -27.64 -21.91
CA ARG C 162 -3.78 -27.48 -23.38
C ARG C 162 -3.59 -28.79 -24.13
N THR C 163 -3.63 -28.69 -25.44
CA THR C 163 -3.22 -29.80 -26.27
C THR C 163 -1.76 -29.85 -26.20
N TYR C 164 -1.23 -31.04 -25.92
CA TYR C 164 0.24 -31.20 -25.82
C TYR C 164 0.70 -32.24 -26.84
N HIS C 166 1.48 -35.09 -29.08
CA HIS C 166 0.77 -36.41 -28.96
C HIS C 166 1.76 -37.58 -28.96
N GLU C 167 2.92 -37.39 -29.55
CA GLU C 167 4.01 -38.39 -29.50
C GLU C 167 4.61 -38.63 -28.12
N VAL C 168 3.93 -39.40 -27.28
CA VAL C 168 4.31 -39.40 -25.88
C VAL C 168 3.83 -40.66 -25.16
N VAL C 169 4.71 -41.24 -24.34
CA VAL C 169 4.52 -42.54 -23.67
C VAL C 169 4.84 -43.74 -24.57
N THR C 170 5.79 -44.54 -24.14
CA THR C 170 6.00 -45.87 -24.71
C THR C 170 4.64 -46.60 -24.93
N LEU C 171 4.48 -47.30 -26.05
CA LEU C 171 3.25 -48.06 -26.40
C LEU C 171 2.59 -48.89 -25.29
N TRP C 172 3.21 -49.97 -24.87
CA TRP C 172 2.66 -50.82 -23.84
C TRP C 172 2.02 -50.04 -22.69
N TYR C 173 2.58 -48.88 -22.36
CA TYR C 173 2.09 -48.14 -21.21
C TYR C 173 1.17 -46.98 -21.57
N ARG C 174 0.83 -46.86 -22.83
CA ARG C 174 0.11 -45.70 -23.32
C ARG C 174 -1.39 -45.83 -23.05
N ALA C 175 -1.99 -44.78 -22.52
CA ALA C 175 -3.38 -44.84 -22.15
C ALA C 175 -4.27 -44.54 -23.36
N PRO C 176 -5.49 -45.07 -23.32
CA PRO C 176 -6.44 -45.00 -24.42
C PRO C 176 -6.74 -43.59 -24.88
N GLU C 177 -6.84 -42.63 -23.95
CA GLU C 177 -7.13 -41.28 -24.37
C GLU C 177 -6.06 -40.82 -25.35
N ILE C 178 -4.85 -41.38 -25.24
CA ILE C 178 -3.80 -41.03 -26.18
C ILE C 178 -3.97 -41.82 -27.45
N LEU C 179 -4.12 -43.13 -27.33
CA LEU C 179 -4.22 -44.02 -28.48
C LEU C 179 -5.28 -43.59 -29.50
N LEU C 180 -6.34 -42.94 -28.99
CA LEU C 180 -7.46 -42.47 -29.81
C LEU C 180 -7.29 -41.02 -30.22
N GLY C 181 -6.23 -40.40 -29.75
CA GLY C 181 -5.88 -39.06 -30.19
C GLY C 181 -6.97 -38.09 -29.79
N CYS C 182 -7.55 -38.35 -28.62
CA CYS C 182 -8.39 -37.39 -27.96
C CYS C 182 -7.64 -36.08 -27.85
N LYS C 183 -8.27 -35.02 -28.33
CA LYS C 183 -7.75 -33.66 -28.29
C LYS C 183 -6.89 -33.35 -27.05
N TYR C 184 -7.46 -33.54 -25.87
CA TYR C 184 -6.80 -33.18 -24.63
C TYR C 184 -6.37 -34.43 -23.84
N TYR C 185 -5.32 -34.29 -23.03
CA TYR C 185 -4.96 -35.33 -22.07
C TYR C 185 -4.25 -34.73 -20.88
N SER C 186 -4.20 -35.45 -19.76
CA SER C 186 -3.56 -34.94 -18.54
C SER C 186 -3.15 -36.03 -17.56
N THR C 187 -3.22 -35.69 -16.25
CA THR C 187 -2.60 -36.45 -15.19
C THR C 187 -3.05 -37.89 -15.26
N ALA C 188 -4.30 -38.05 -15.70
CA ALA C 188 -4.85 -39.35 -15.87
C ALA C 188 -3.88 -40.28 -16.60
N VAL C 189 -3.17 -39.73 -17.60
CA VAL C 189 -2.30 -40.62 -18.39
C VAL C 189 -1.19 -41.19 -17.56
N ASP C 190 -0.70 -40.48 -16.54
CA ASP C 190 0.39 -41.06 -15.75
C ASP C 190 -0.20 -42.17 -14.88
N ILE C 191 -1.41 -41.99 -14.38
CA ILE C 191 -2.01 -43.05 -13.56
C ILE C 191 -2.19 -44.35 -14.35
N TRP C 192 -2.75 -44.24 -15.55
CA TRP C 192 -2.86 -45.38 -16.43
C TRP C 192 -1.55 -46.17 -16.47
N SER C 193 -0.47 -45.43 -16.62
CA SER C 193 0.83 -46.07 -16.71
C SER C 193 1.16 -46.92 -15.46
N LEU C 194 1.02 -46.27 -14.30
CA LEU C 194 1.30 -46.94 -13.04
C LEU C 194 0.37 -48.13 -12.93
N GLY C 195 -0.82 -47.96 -13.47
CA GLY C 195 -1.79 -49.04 -13.50
C GLY C 195 -1.17 -50.25 -14.17
N CYS C 196 -0.70 -50.01 -15.37
CA CYS C 196 -0.12 -51.06 -16.16
C CYS C 196 1.06 -51.56 -15.36
N ILE C 197 1.72 -50.65 -14.68
CA ILE C 197 2.93 -51.06 -14.00
C ILE C 197 2.60 -51.94 -12.79
N PHE C 198 1.61 -51.49 -12.01
CA PHE C 198 1.11 -52.25 -10.86
C PHE C 198 0.89 -53.74 -11.22
N ALA C 199 0.16 -53.95 -12.31
CA ALA C 199 -0.16 -55.31 -12.79
C ALA C 199 1.08 -56.11 -13.09
N GLU C 200 2.04 -55.43 -13.71
CA GLU C 200 3.23 -56.08 -14.25
C GLU C 200 4.09 -56.61 -13.13
N MET C 201 4.11 -55.88 -12.01
CA MET C 201 4.88 -56.29 -10.85
C MET C 201 4.28 -57.59 -10.34
N VAL C 202 2.95 -57.67 -10.34
CA VAL C 202 2.26 -58.83 -9.82
C VAL C 202 2.53 -60.07 -10.67
N THR C 203 2.24 -59.98 -11.97
CA THR C 203 2.40 -61.11 -12.91
C THR C 203 3.84 -61.21 -13.39
N ARG C 204 4.53 -60.09 -13.38
CA ARG C 204 5.92 -60.08 -13.82
C ARG C 204 6.00 -60.05 -15.34
N ARG C 205 4.89 -59.69 -15.99
CA ARG C 205 4.94 -59.38 -17.41
C ARG C 205 4.03 -58.24 -17.81
N ALA C 206 4.47 -57.52 -18.82
CA ALA C 206 3.73 -56.44 -19.39
C ALA C 206 2.27 -56.80 -19.48
N LEU C 207 1.41 -55.93 -19.00
CA LEU C 207 -0.02 -56.22 -18.98
C LEU C 207 -0.63 -56.09 -20.38
N PHE C 208 -0.24 -55.03 -21.10
CA PHE C 208 -0.69 -54.79 -22.47
C PHE C 208 0.45 -54.64 -23.49
N PRO C 209 1.09 -55.74 -23.87
CA PRO C 209 2.25 -55.72 -24.79
C PRO C 209 1.94 -55.68 -26.30
N GLY C 210 1.30 -54.59 -26.72
CA GLY C 210 0.92 -54.46 -28.11
C GLY C 210 2.12 -54.31 -29.05
N ASP C 211 1.99 -54.68 -30.32
CA ASP C 211 3.09 -54.40 -31.23
C ASP C 211 2.64 -53.59 -32.44
N SER C 212 1.70 -52.68 -32.18
CA SER C 212 1.17 -51.73 -33.15
C SER C 212 0.12 -50.89 -32.39
N GLU C 213 -0.31 -49.77 -32.94
CA GLU C 213 -1.33 -48.96 -32.26
C GLU C 213 -2.64 -49.73 -32.07
N ILE C 214 -3.17 -50.26 -33.18
CA ILE C 214 -4.44 -50.92 -33.18
C ILE C 214 -4.38 -52.16 -32.28
N ASP C 215 -3.21 -52.80 -32.23
CA ASP C 215 -3.02 -53.96 -31.38
C ASP C 215 -3.17 -53.59 -29.93
N GLN C 216 -2.49 -52.52 -29.54
CA GLN C 216 -2.55 -52.04 -28.16
C GLN C 216 -4.01 -51.90 -27.74
N LEU C 217 -4.79 -51.20 -28.57
CA LEU C 217 -6.20 -51.00 -28.31
C LEU C 217 -6.87 -52.33 -28.06
N PHE C 218 -6.69 -53.30 -28.98
CA PHE C 218 -7.52 -54.48 -28.97
C PHE C 218 -7.19 -55.21 -27.69
N ARG C 219 -5.91 -55.19 -27.34
CA ARG C 219 -5.50 -55.81 -26.11
C ARG C 219 -6.13 -55.14 -24.92
N ILE C 220 -6.35 -53.86 -25.02
CA ILE C 220 -7.01 -53.16 -23.92
C ILE C 220 -8.50 -53.53 -23.79
N PHE C 221 -9.29 -53.27 -24.83
CA PHE C 221 -10.66 -53.83 -24.91
C PHE C 221 -10.78 -55.32 -24.47
N ARG C 222 -9.91 -56.17 -24.96
CA ARG C 222 -10.00 -57.58 -24.64
C ARG C 222 -10.01 -57.79 -23.11
N THR C 223 -9.24 -57.01 -22.38
CA THR C 223 -9.10 -57.26 -20.96
C THR C 223 -9.91 -56.29 -20.14
N LEU C 224 -10.61 -55.36 -20.79
CA LEU C 224 -11.38 -54.37 -20.07
C LEU C 224 -12.81 -54.16 -20.61
N GLY C 225 -13.08 -54.64 -21.81
CA GLY C 225 -14.39 -54.42 -22.40
C GLY C 225 -14.41 -53.23 -23.34
N THR C 226 -14.66 -53.50 -24.61
CA THR C 226 -14.78 -52.47 -25.62
C THR C 226 -15.06 -51.10 -24.99
N VAL C 256 -7.04 -61.83 -15.13
CA VAL C 256 -6.19 -60.69 -15.43
C VAL C 256 -4.92 -60.76 -14.57
N VAL C 257 -5.07 -60.38 -13.31
CA VAL C 257 -4.00 -60.49 -12.32
C VAL C 257 -4.43 -61.38 -11.19
N PRO C 258 -4.12 -62.67 -11.32
CA PRO C 258 -4.58 -63.71 -10.39
C PRO C 258 -4.21 -63.51 -8.92
N PRO C 259 -2.92 -63.52 -8.58
CA PRO C 259 -2.49 -63.60 -7.17
C PRO C 259 -2.90 -62.40 -6.33
N LEU C 260 -3.45 -61.38 -6.97
CA LEU C 260 -3.74 -60.11 -6.32
C LEU C 260 -5.10 -60.14 -5.61
N ASP C 261 -5.13 -59.65 -4.37
CA ASP C 261 -6.32 -59.69 -3.52
C ASP C 261 -7.45 -58.70 -3.91
N GLU C 262 -8.51 -58.63 -3.08
CA GLU C 262 -9.74 -57.87 -3.38
C GLU C 262 -9.55 -56.35 -3.49
N ASP C 263 -9.02 -55.72 -2.43
CA ASP C 263 -8.65 -54.29 -2.48
C ASP C 263 -7.77 -54.07 -3.72
N GLY C 264 -6.76 -54.90 -3.89
CA GLY C 264 -5.87 -54.82 -5.05
C GLY C 264 -6.63 -54.52 -6.32
N ARG C 265 -7.45 -55.47 -6.74
CA ARG C 265 -8.18 -55.35 -8.00
C ARG C 265 -8.95 -54.04 -8.08
N SER C 266 -9.49 -53.59 -6.97
CA SER C 266 -10.36 -52.42 -7.01
C SER C 266 -9.55 -51.19 -7.34
N LEU C 267 -8.40 -51.08 -6.70
CA LEU C 267 -7.50 -49.95 -6.95
C LEU C 267 -7.02 -50.03 -8.39
N LEU C 268 -6.47 -51.19 -8.75
CA LEU C 268 -6.10 -51.49 -10.10
C LEU C 268 -7.17 -51.08 -11.07
N SER C 269 -8.42 -51.44 -10.78
CA SER C 269 -9.51 -51.19 -11.73
C SER C 269 -9.79 -49.71 -11.84
N GLN C 270 -9.58 -48.96 -10.77
CA GLN C 270 -9.87 -47.54 -10.80
C GLN C 270 -8.68 -46.83 -11.44
N MET C 271 -7.53 -47.49 -11.43
CA MET C 271 -6.36 -46.88 -12.03
C MET C 271 -6.46 -47.04 -13.51
N LEU C 272 -7.16 -48.09 -13.95
CA LEU C 272 -7.27 -48.35 -15.38
C LEU C 272 -8.63 -48.02 -15.94
N HIS C 273 -9.27 -46.99 -15.40
CA HIS C 273 -10.61 -46.59 -15.87
C HIS C 273 -10.52 -46.00 -17.30
N TYR C 274 -11.44 -46.43 -18.17
CA TYR C 274 -11.50 -45.95 -19.55
C TYR C 274 -11.59 -44.46 -19.56
N ASP C 275 -12.59 -43.94 -18.85
CA ASP C 275 -12.86 -42.52 -18.83
C ASP C 275 -11.81 -41.85 -17.96
N PRO C 276 -11.07 -40.94 -18.57
CA PRO C 276 -10.03 -40.18 -17.87
C PRO C 276 -10.55 -39.36 -16.69
N ASN C 277 -11.64 -38.64 -16.91
CA ASN C 277 -12.20 -37.83 -15.84
C ASN C 277 -12.54 -38.69 -14.63
N LYS C 278 -12.74 -39.99 -14.85
CA LYS C 278 -13.13 -40.88 -13.77
C LYS C 278 -12.00 -41.82 -13.33
N ARG C 279 -10.85 -41.74 -14.00
CA ARG C 279 -9.70 -42.50 -13.57
C ARG C 279 -9.31 -41.91 -12.25
N ILE C 280 -8.85 -42.77 -11.35
CA ILE C 280 -8.37 -42.33 -10.07
C ILE C 280 -7.17 -41.38 -10.24
N SER C 281 -7.17 -40.34 -9.40
CA SER C 281 -6.00 -39.49 -9.23
C SER C 281 -5.04 -40.17 -8.31
N ALA C 282 -3.79 -39.72 -8.33
CA ALA C 282 -2.78 -40.33 -7.47
C ALA C 282 -3.12 -40.07 -6.00
N LYS C 283 -3.42 -38.83 -5.68
CA LYS C 283 -3.76 -38.45 -4.32
C LYS C 283 -4.80 -39.40 -3.74
N ALA C 284 -5.92 -39.51 -4.44
CA ALA C 284 -6.92 -40.48 -4.08
C ALA C 284 -6.28 -41.83 -3.79
N ALA C 285 -5.71 -42.45 -4.80
CA ALA C 285 -5.15 -43.78 -4.62
C ALA C 285 -4.39 -43.91 -3.32
N LEU C 286 -3.86 -42.79 -2.83
CA LEU C 286 -3.06 -42.80 -1.60
C LEU C 286 -3.90 -43.15 -0.37
N ALA C 287 -5.19 -42.84 -0.45
CA ALA C 287 -6.13 -43.04 0.65
C ALA C 287 -6.87 -44.38 0.56
N HIS C 288 -6.68 -45.07 -0.56
CA HIS C 288 -7.31 -46.36 -0.82
C HIS C 288 -6.87 -47.46 0.17
N PRO C 289 -7.83 -48.33 0.48
CA PRO C 289 -7.64 -49.40 1.46
C PRO C 289 -6.48 -50.34 1.17
N PHE C 290 -6.17 -50.54 -0.09
CA PHE C 290 -5.12 -51.50 -0.41
C PHE C 290 -3.94 -51.14 0.49
N PHE C 291 -3.92 -49.89 0.93
CA PHE C 291 -2.71 -49.32 1.51
C PHE C 291 -2.68 -49.22 3.02
N GLN C 292 -3.69 -49.77 3.71
CA GLN C 292 -3.76 -49.58 5.15
C GLN C 292 -2.64 -50.36 5.88
N ASP C 293 -2.21 -51.50 5.33
CA ASP C 293 -1.13 -52.31 5.95
C ASP C 293 0.26 -52.12 5.30
N VAL C 294 0.42 -51.13 4.42
CA VAL C 294 1.69 -50.93 3.70
C VAL C 294 2.89 -50.85 4.63
N THR C 295 3.96 -51.54 4.26
CA THR C 295 5.25 -51.39 4.93
C THR C 295 6.34 -51.06 3.92
N LYS C 296 7.60 -51.00 4.37
CA LYS C 296 8.75 -50.80 3.48
C LYS C 296 9.79 -51.90 3.56
N PRO C 297 9.52 -53.05 2.94
CA PRO C 297 10.48 -54.15 2.95
C PRO C 297 11.66 -53.92 2.02
N VAL C 298 12.79 -54.54 2.36
CA VAL C 298 13.93 -54.58 1.48
C VAL C 298 13.67 -55.66 0.42
N PRO C 299 14.20 -55.45 -0.79
CA PRO C 299 14.20 -56.48 -1.83
C PRO C 299 15.44 -57.35 -1.82
N HIS C 300 15.29 -58.59 -2.25
CA HIS C 300 16.39 -59.54 -2.31
C HIS C 300 17.29 -59.27 -3.52
N LEU C 301 18.36 -58.53 -3.32
CA LEU C 301 19.26 -58.22 -4.43
C LEU C 301 20.46 -59.16 -4.44
N ARG C 302 21.26 -59.17 -5.39
N VAL D 2 -9.38 -30.25 -14.28
CA VAL D 2 -9.42 -31.47 -13.43
C VAL D 2 -9.14 -31.14 -11.94
N PRO D 3 -10.17 -30.60 -11.28
CA PRO D 3 -10.06 -30.04 -9.92
C PRO D 3 -9.40 -30.88 -8.81
N ASP D 4 -8.91 -32.08 -9.10
CA ASP D 4 -8.23 -32.88 -8.06
C ASP D 4 -6.94 -32.24 -7.51
N TYR D 5 -6.22 -31.45 -8.33
CA TYR D 5 -4.95 -30.77 -7.92
C TYR D 5 -5.05 -29.25 -8.15
N HIS D 6 -6.14 -28.86 -8.77
CA HIS D 6 -6.39 -27.46 -9.12
C HIS D 6 -5.90 -26.55 -7.99
N GLU D 7 -6.20 -26.90 -6.72
CA GLU D 7 -5.85 -26.03 -5.58
C GLU D 7 -4.41 -26.17 -5.18
N ASP D 8 -3.92 -27.39 -5.06
CA ASP D 8 -2.50 -27.55 -4.75
C ASP D 8 -1.72 -26.77 -5.78
N ILE D 9 -2.22 -26.75 -7.00
CA ILE D 9 -1.43 -26.20 -8.08
C ILE D 9 -1.42 -24.69 -7.97
N HIS D 10 -2.59 -24.17 -7.68
CA HIS D 10 -2.72 -22.75 -7.47
C HIS D 10 -1.88 -22.33 -6.27
N THR D 11 -1.74 -23.19 -5.29
CA THR D 11 -1.04 -22.68 -4.13
C THR D 11 0.41 -22.54 -4.54
N TYR D 12 0.89 -23.62 -5.14
CA TYR D 12 2.25 -23.69 -5.62
C TYR D 12 2.61 -22.49 -6.46
N LEU D 13 1.87 -22.20 -7.50
CA LEU D 13 2.22 -21.05 -8.32
C LEU D 13 2.35 -19.78 -7.49
N ARG D 14 1.57 -19.71 -6.42
CA ARG D 14 1.50 -18.49 -5.60
C ARG D 14 2.79 -18.39 -4.82
N GLU D 15 3.26 -19.52 -4.37
CA GLU D 15 4.58 -19.60 -3.81
C GLU D 15 5.62 -19.24 -4.90
N MET D 16 5.53 -19.86 -6.08
CA MET D 16 6.64 -19.66 -7.05
C MET D 16 6.73 -18.25 -7.62
N GLU D 17 5.59 -17.61 -7.83
CA GLU D 17 5.63 -16.29 -8.45
C GLU D 17 6.43 -15.36 -7.60
N VAL D 18 6.60 -15.73 -6.35
CA VAL D 18 7.30 -14.83 -5.47
C VAL D 18 8.79 -15.06 -5.74
N LYS D 19 9.20 -16.32 -5.96
CA LYS D 19 10.63 -16.62 -6.05
C LYS D 19 11.18 -16.28 -7.43
N CYS D 20 10.28 -16.23 -8.41
CA CYS D 20 10.62 -15.98 -9.81
C CYS D 20 10.39 -14.52 -10.22
N LYS D 21 10.09 -13.68 -9.25
CA LYS D 21 9.84 -12.29 -9.56
C LYS D 21 11.14 -11.57 -9.86
N PRO D 22 11.15 -10.79 -10.94
CA PRO D 22 12.31 -9.97 -11.24
C PRO D 22 12.48 -8.89 -10.21
N LYS D 23 13.62 -8.22 -10.25
CA LYS D 23 13.86 -7.16 -9.32
C LYS D 23 13.27 -5.82 -9.75
N VAL D 24 12.36 -5.32 -8.89
CA VAL D 24 11.49 -4.18 -9.17
C VAL D 24 12.22 -3.03 -9.80
N GLY D 25 13.29 -2.60 -9.17
CA GLY D 25 13.93 -1.43 -9.73
C GLY D 25 15.10 -1.74 -10.62
N TYR D 26 15.07 -2.80 -11.44
CA TYR D 26 16.32 -3.23 -12.07
C TYR D 26 16.79 -2.21 -13.08
N MET D 27 15.86 -1.57 -13.76
CA MET D 27 16.20 -0.62 -14.82
C MET D 27 16.97 0.65 -14.34
N LYS D 28 16.73 1.09 -13.10
CA LYS D 28 17.57 2.16 -12.50
C LYS D 28 19.06 1.78 -12.50
N LYS D 29 19.32 0.47 -12.48
CA LYS D 29 20.67 -0.05 -12.34
C LYS D 29 21.35 -0.45 -13.64
N GLN D 30 20.62 -0.37 -14.75
CA GLN D 30 21.19 -0.53 -16.08
C GLN D 30 21.64 0.84 -16.62
N PRO D 31 22.93 1.05 -16.75
CA PRO D 31 23.43 2.31 -17.27
C PRO D 31 23.18 2.59 -18.76
N ASP D 32 22.70 1.63 -19.54
CA ASP D 32 22.68 1.86 -21.00
C ASP D 32 21.32 1.56 -21.60
N ILE D 33 20.38 1.10 -20.79
CA ILE D 33 19.06 0.79 -21.31
C ILE D 33 17.92 1.20 -20.41
N THR D 34 16.73 1.26 -20.98
CA THR D 34 15.61 1.85 -20.29
C THR D 34 14.36 1.11 -20.51
N ASN D 35 13.37 1.49 -19.72
CA ASN D 35 12.07 0.92 -19.86
C ASN D 35 11.53 1.08 -21.26
N SER D 36 11.84 2.19 -21.89
CA SER D 36 11.25 2.48 -23.17
C SER D 36 11.82 1.48 -24.16
N MET D 37 13.15 1.32 -24.09
CA MET D 37 13.85 0.28 -24.83
C MET D 37 13.23 -1.09 -24.54
N ARG D 38 12.98 -1.37 -23.28
CA ARG D 38 12.44 -2.66 -22.96
C ARG D 38 11.07 -2.72 -23.61
N ALA D 39 10.44 -1.57 -23.69
CA ALA D 39 9.07 -1.51 -24.21
C ALA D 39 9.10 -1.91 -25.69
N ILE D 40 9.91 -1.23 -26.46
CA ILE D 40 10.12 -1.68 -27.80
C ILE D 40 10.35 -3.19 -27.92
N LEU D 41 11.20 -3.77 -27.07
CA LEU D 41 11.60 -5.15 -27.24
C LEU D 41 10.42 -6.07 -27.13
N VAL D 42 9.58 -5.79 -26.14
CA VAL D 42 8.50 -6.69 -25.80
C VAL D 42 7.41 -6.63 -26.88
N ASP D 43 7.25 -5.49 -27.54
CA ASP D 43 6.23 -5.34 -28.57
C ASP D 43 6.69 -6.09 -29.83
N TRP D 44 7.99 -6.02 -30.09
CA TRP D 44 8.59 -6.87 -31.12
C TRP D 44 8.42 -8.37 -30.85
N LEU D 45 8.53 -8.80 -29.58
CA LEU D 45 8.34 -10.22 -29.24
C LEU D 45 6.91 -10.59 -29.49
N VAL D 46 6.02 -9.63 -29.24
CA VAL D 46 4.61 -9.85 -29.60
C VAL D 46 4.42 -10.02 -31.12
N GLU D 47 4.97 -9.14 -31.93
CA GLU D 47 4.94 -9.43 -33.37
C GLU D 47 5.43 -10.87 -33.60
N VAL D 48 6.62 -11.15 -33.07
CA VAL D 48 7.35 -12.34 -33.42
C VAL D 48 6.44 -13.42 -33.00
N GLY D 49 5.85 -13.21 -31.85
CA GLY D 49 4.94 -14.18 -31.32
C GLY D 49 3.88 -14.40 -32.36
N GLU D 50 3.49 -13.34 -33.06
CA GLU D 50 2.38 -13.49 -34.02
C GLU D 50 2.78 -14.20 -35.32
N GLU D 51 3.94 -13.80 -35.84
CA GLU D 51 4.49 -14.33 -37.07
C GLU D 51 4.56 -15.86 -37.03
N TYR D 52 4.92 -16.40 -35.86
CA TYR D 52 5.22 -17.82 -35.74
C TYR D 52 4.14 -18.57 -35.00
N LYS D 53 3.05 -17.86 -34.74
CA LYS D 53 1.86 -18.44 -34.17
C LYS D 53 2.16 -19.15 -32.86
N LEU D 54 2.92 -18.47 -32.01
CA LEU D 54 3.33 -19.07 -30.76
C LEU D 54 2.26 -18.88 -29.72
N GLN D 55 2.17 -19.80 -28.77
CA GLN D 55 1.31 -19.59 -27.60
C GLN D 55 1.66 -18.30 -26.87
N ASN D 56 0.67 -17.64 -26.29
CA ASN D 56 0.88 -16.40 -25.52
C ASN D 56 1.67 -16.72 -24.21
N GLU D 57 1.46 -17.93 -23.68
CA GLU D 57 2.22 -18.41 -22.52
C GLU D 57 3.72 -18.31 -22.77
N THR D 58 4.09 -18.41 -24.05
CA THR D 58 5.47 -18.45 -24.45
C THR D 58 5.97 -17.03 -24.42
N LEU D 59 5.07 -16.12 -24.74
CA LEU D 59 5.40 -14.70 -24.73
C LEU D 59 5.70 -14.30 -23.31
N HIS D 60 4.83 -14.75 -22.43
CA HIS D 60 4.90 -14.30 -21.05
C HIS D 60 6.17 -14.83 -20.39
N LEU D 61 6.42 -16.12 -20.58
CA LEU D 61 7.64 -16.74 -20.12
C LEU D 61 8.84 -15.93 -20.58
N ALA D 62 8.85 -15.54 -21.84
CA ALA D 62 10.03 -14.89 -22.39
C ALA D 62 10.31 -13.58 -21.66
N VAL D 63 9.31 -12.78 -21.52
CA VAL D 63 9.44 -11.53 -20.80
C VAL D 63 9.98 -11.74 -19.35
N ASN D 64 9.45 -12.72 -18.64
CA ASN D 64 9.98 -13.03 -17.32
C ASN D 64 11.49 -13.47 -17.37
N TYR D 65 11.88 -14.21 -18.41
CA TYR D 65 13.29 -14.60 -18.52
C TYR D 65 14.14 -13.37 -18.78
N ILE D 66 13.60 -12.43 -19.54
CA ILE D 66 14.35 -11.22 -19.83
C ILE D 66 14.49 -10.35 -18.57
N ASP D 67 13.42 -10.22 -17.80
CA ASP D 67 13.47 -9.32 -16.66
C ASP D 67 14.38 -9.91 -15.55
N ARG D 68 14.35 -11.22 -15.34
CA ARG D 68 15.29 -11.80 -14.38
C ARG D 68 16.73 -11.64 -14.85
N PHE D 69 16.97 -11.92 -16.13
CA PHE D 69 18.28 -11.74 -16.75
C PHE D 69 18.80 -10.33 -16.54
N LEU D 70 18.01 -9.35 -16.95
CA LEU D 70 18.38 -7.94 -16.78
C LEU D 70 18.42 -7.53 -15.28
N SER D 71 17.72 -8.27 -14.45
CA SER D 71 17.81 -8.04 -13.03
C SER D 71 19.15 -8.45 -12.44
N SER D 72 20.00 -9.17 -13.19
CA SER D 72 21.38 -9.49 -12.71
C SER D 72 22.59 -9.18 -13.61
N MET D 73 22.32 -8.82 -14.86
CA MET D 73 23.37 -8.57 -15.83
C MET D 73 23.08 -7.24 -16.51
N SER D 74 24.06 -6.38 -16.45
CA SER D 74 24.04 -5.15 -17.16
C SER D 74 24.32 -5.42 -18.69
N VAL D 75 23.51 -4.82 -19.58
CA VAL D 75 23.47 -5.12 -21.01
C VAL D 75 23.50 -3.82 -21.83
N LEU D 76 24.38 -3.72 -22.84
CA LEU D 76 24.39 -2.57 -23.72
C LEU D 76 23.22 -2.63 -24.68
N ARG D 77 22.73 -1.45 -25.07
CA ARG D 77 21.52 -1.41 -25.92
C ARG D 77 21.65 -2.27 -27.20
N GLY D 78 22.83 -2.34 -27.80
CA GLY D 78 23.02 -3.14 -29.01
C GLY D 78 22.82 -4.64 -28.80
N LYS D 79 22.76 -5.03 -27.53
CA LYS D 79 22.69 -6.43 -27.18
C LYS D 79 21.38 -6.84 -26.63
N LEU D 80 20.47 -5.89 -26.43
CA LEU D 80 19.20 -6.16 -25.74
C LEU D 80 18.31 -7.05 -26.57
N GLN D 81 18.36 -6.86 -27.88
CA GLN D 81 17.58 -7.69 -28.76
C GLN D 81 18.15 -9.10 -28.76
N LEU D 82 19.46 -9.21 -28.64
CA LEU D 82 20.07 -10.52 -28.56
C LEU D 82 19.52 -11.35 -27.34
N VAL D 83 19.39 -10.68 -26.18
CA VAL D 83 18.85 -11.28 -24.96
C VAL D 83 17.41 -11.69 -25.18
N GLY D 84 16.68 -10.84 -25.85
CA GLY D 84 15.27 -11.07 -26.08
C GLY D 84 15.04 -12.18 -27.07
N THR D 85 15.85 -12.24 -28.11
CA THR D 85 15.80 -13.35 -29.01
C THR D 85 16.05 -14.70 -28.30
N ALA D 86 17.06 -14.75 -27.44
CA ALA D 86 17.40 -16.01 -26.77
C ALA D 86 16.36 -16.37 -25.71
N ALA D 87 15.80 -15.37 -25.10
CA ALA D 87 14.68 -15.61 -24.19
C ALA D 87 13.49 -16.30 -24.87
N MET D 88 13.20 -15.85 -26.07
CA MET D 88 12.01 -16.33 -26.76
C MET D 88 12.27 -17.73 -27.27
N LEU D 89 13.48 -17.94 -27.73
CA LEU D 89 13.94 -19.24 -28.12
C LEU D 89 13.79 -20.19 -26.94
N LEU D 90 14.30 -19.81 -25.78
CA LEU D 90 14.23 -20.74 -24.64
C LEU D 90 12.80 -21.05 -24.26
N ALA D 91 11.98 -20.01 -24.16
CA ALA D 91 10.58 -20.16 -23.88
C ALA D 91 9.87 -21.07 -24.88
N SER D 92 10.23 -20.97 -26.15
CA SER D 92 9.60 -21.80 -27.15
C SER D 92 10.00 -23.24 -26.92
N LYS D 93 11.24 -23.48 -26.51
CA LYS D 93 11.65 -24.85 -26.30
C LYS D 93 10.95 -25.41 -25.06
N PHE D 94 10.76 -24.58 -24.05
CA PHE D 94 10.10 -25.05 -22.84
C PHE D 94 8.63 -25.35 -23.17
N GLU D 95 8.02 -24.39 -23.85
CA GLU D 95 6.55 -24.30 -23.88
C GLU D 95 5.92 -24.91 -25.15
N GLU D 96 6.53 -24.73 -26.33
CA GLU D 96 5.82 -25.05 -27.59
C GLU D 96 5.93 -26.53 -27.95
N ILE D 97 4.85 -27.08 -28.50
CA ILE D 97 4.96 -28.36 -29.18
C ILE D 97 5.99 -28.31 -30.32
N TYR D 98 5.95 -27.24 -31.14
CA TYR D 98 6.79 -27.08 -32.33
C TYR D 98 7.51 -25.73 -32.34
N PRO D 99 8.56 -25.64 -31.55
CA PRO D 99 9.29 -24.38 -31.49
C PRO D 99 9.84 -24.00 -32.85
N PRO D 100 9.90 -22.72 -33.17
CA PRO D 100 10.67 -22.32 -34.33
C PRO D 100 12.06 -22.86 -34.15
N GLU D 101 12.69 -23.32 -35.22
CA GLU D 101 14.10 -23.62 -35.17
C GLU D 101 14.89 -22.33 -34.96
N VAL D 102 16.17 -22.49 -34.61
CA VAL D 102 17.04 -21.35 -34.36
C VAL D 102 17.15 -20.43 -35.59
N ALA D 103 17.31 -21.01 -36.77
CA ALA D 103 17.57 -20.22 -37.97
C ALA D 103 16.48 -19.17 -38.12
N GLU D 104 15.26 -19.55 -37.77
CA GLU D 104 14.15 -18.62 -37.80
C GLU D 104 14.32 -17.49 -36.76
N PHE D 105 14.72 -17.86 -35.56
CA PHE D 105 15.00 -16.85 -34.59
C PHE D 105 16.03 -15.87 -35.12
N VAL D 106 17.02 -16.37 -35.87
CA VAL D 106 18.10 -15.53 -36.38
C VAL D 106 17.56 -14.59 -37.48
N TYR D 107 16.76 -15.16 -38.37
CA TYR D 107 16.11 -14.43 -39.43
C TYR D 107 15.35 -13.24 -38.89
N ILE D 108 14.44 -13.45 -37.94
CA ILE D 108 13.59 -12.36 -37.48
C ILE D 108 14.35 -11.22 -36.88
N THR D 109 15.65 -11.34 -36.67
CA THR D 109 16.43 -10.18 -36.22
C THR D 109 17.19 -9.48 -37.34
N ASP D 110 16.83 -9.78 -38.60
CA ASP D 110 17.44 -9.18 -39.84
C ASP D 110 18.99 -9.23 -39.94
N ASP D 111 19.53 -10.42 -39.67
CA ASP D 111 20.98 -10.64 -39.70
C ASP D 111 21.77 -9.63 -38.82
N THR D 112 21.08 -9.16 -37.78
CA THR D 112 21.74 -8.37 -36.76
C THR D 112 22.73 -9.23 -35.94
N TYR D 113 22.39 -10.49 -35.74
CA TYR D 113 23.18 -11.38 -34.90
C TYR D 113 23.37 -12.67 -35.68
N THR D 114 24.51 -13.31 -35.54
CA THR D 114 24.68 -14.60 -36.14
C THR D 114 23.95 -15.64 -35.34
N LYS D 115 23.90 -16.86 -35.86
CA LYS D 115 23.32 -17.96 -35.17
C LYS D 115 24.17 -18.33 -33.97
N LYS D 116 25.45 -18.01 -34.00
CA LYS D 116 26.35 -18.41 -32.93
C LYS D 116 26.14 -17.45 -31.74
N GLN D 117 25.92 -16.18 -32.01
CA GLN D 117 25.59 -15.29 -30.95
C GLN D 117 24.30 -15.72 -30.27
N VAL D 118 23.33 -16.16 -31.04
CA VAL D 118 22.09 -16.55 -30.44
C VAL D 118 22.21 -17.74 -29.53
N LEU D 119 22.87 -18.80 -30.02
CA LEU D 119 23.17 -19.97 -29.23
C LEU D 119 24.02 -19.67 -28.02
N ARG D 120 25.02 -18.83 -28.14
CA ARG D 120 25.84 -18.53 -26.99
C ARG D 120 25.05 -17.74 -25.90
N MET D 121 24.09 -16.91 -26.33
CA MET D 121 23.27 -16.15 -25.41
C MET D 121 22.26 -17.06 -24.83
N GLU D 122 21.82 -18.02 -25.63
CA GLU D 122 20.93 -19.03 -25.09
C GLU D 122 21.55 -19.63 -23.86
N HIS D 123 22.81 -20.04 -23.96
CA HIS D 123 23.54 -20.72 -22.87
C HIS D 123 23.80 -19.76 -21.70
N LEU D 124 24.20 -18.55 -21.98
CA LEU D 124 24.41 -17.60 -20.92
C LEU D 124 23.07 -17.26 -20.20
N VAL D 125 21.99 -17.18 -20.93
CA VAL D 125 20.70 -16.98 -20.26
C VAL D 125 20.36 -18.16 -19.34
N LEU D 126 20.51 -19.37 -19.85
CA LEU D 126 20.34 -20.56 -19.00
C LEU D 126 21.13 -20.54 -17.69
N LYS D 127 22.37 -20.06 -17.78
CA LYS D 127 23.30 -20.04 -16.68
C LYS D 127 22.92 -18.99 -15.66
N VAL D 128 22.61 -17.81 -16.13
CA VAL D 128 22.23 -16.72 -15.26
C VAL D 128 20.98 -17.01 -14.43
N LEU D 129 20.01 -17.66 -15.06
CA LEU D 129 18.76 -18.13 -14.48
C LEU D 129 18.88 -19.52 -13.81
N THR D 130 20.08 -20.08 -13.84
CA THR D 130 20.33 -21.42 -13.33
C THR D 130 19.25 -22.40 -13.67
N PHE D 131 18.84 -22.39 -14.92
CA PHE D 131 17.86 -23.33 -15.49
C PHE D 131 16.49 -23.32 -14.86
N ASP D 132 16.15 -22.21 -14.21
CA ASP D 132 14.85 -22.11 -13.61
C ASP D 132 13.89 -21.40 -14.56
N LEU D 133 13.26 -22.19 -15.41
CA LEU D 133 12.41 -21.65 -16.46
C LEU D 133 10.89 -21.78 -16.21
N ALA D 134 10.52 -22.71 -15.34
CA ALA D 134 9.11 -22.96 -15.03
C ALA D 134 8.48 -21.92 -14.16
N ALA D 135 8.41 -20.71 -14.66
CA ALA D 135 7.80 -19.58 -13.95
C ALA D 135 6.32 -19.42 -14.26
N PRO D 136 5.58 -19.07 -13.23
CA PRO D 136 4.15 -18.80 -13.35
C PRO D 136 3.97 -17.45 -14.00
N THR D 137 2.96 -17.34 -14.85
CA THR D 137 2.71 -16.14 -15.59
C THR D 137 1.29 -15.57 -15.33
N VAL D 138 1.10 -14.32 -15.73
CA VAL D 138 -0.22 -13.77 -15.76
C VAL D 138 -1.16 -14.82 -16.39
N ASN D 139 -0.80 -15.32 -17.56
CA ASN D 139 -1.66 -16.17 -18.35
C ASN D 139 -2.05 -17.41 -17.59
N GLN D 140 -1.23 -17.82 -16.63
CA GLN D 140 -1.47 -19.09 -15.99
C GLN D 140 -2.52 -18.93 -14.92
N PHE D 141 -2.58 -17.75 -14.37
CA PHE D 141 -3.60 -17.52 -13.36
C PHE D 141 -4.95 -17.23 -14.07
N LEU D 142 -4.93 -16.32 -15.05
CA LEU D 142 -6.14 -16.03 -15.85
C LEU D 142 -6.82 -17.33 -16.23
N THR D 143 -6.02 -18.18 -16.85
CA THR D 143 -6.50 -19.46 -17.28
C THR D 143 -7.25 -20.21 -16.20
N GLN D 144 -6.81 -20.05 -14.97
CA GLN D 144 -7.54 -20.63 -13.86
C GLN D 144 -8.74 -19.73 -13.56
N TYR D 145 -8.47 -18.45 -13.33
CA TYR D 145 -9.52 -17.52 -12.98
C TYR D 145 -10.71 -17.72 -13.95
N PHE D 146 -10.44 -17.79 -15.25
CA PHE D 146 -11.51 -18.04 -16.26
C PHE D 146 -12.43 -19.18 -15.96
N LEU D 147 -11.99 -20.16 -15.18
CA LEU D 147 -12.89 -21.29 -14.85
C LEU D 147 -13.98 -20.85 -13.85
N HIS D 148 -13.93 -19.60 -13.40
CA HIS D 148 -14.96 -19.12 -12.47
C HIS D 148 -15.94 -18.18 -13.13
N GLN D 149 -16.07 -18.28 -14.44
CA GLN D 149 -17.14 -17.61 -15.11
C GLN D 149 -18.38 -18.43 -14.93
N GLN D 150 -19.49 -17.71 -14.89
CA GLN D 150 -20.80 -18.29 -14.76
C GLN D 150 -21.69 -17.46 -15.66
N PRO D 151 -21.84 -17.88 -16.90
CA PRO D 151 -21.09 -19.00 -17.46
C PRO D 151 -19.89 -18.49 -18.30
N ALA D 152 -19.36 -19.34 -19.16
CA ALA D 152 -18.22 -18.95 -19.98
C ALA D 152 -18.57 -17.91 -21.04
N ASN D 153 -17.86 -16.79 -21.01
CA ASN D 153 -17.92 -15.80 -22.08
C ASN D 153 -16.53 -15.72 -22.73
N CYS D 154 -16.46 -15.53 -24.04
CA CYS D 154 -15.19 -15.54 -24.70
C CYS D 154 -14.66 -14.13 -24.96
N LYS D 155 -15.54 -13.15 -24.92
CA LYS D 155 -15.07 -11.79 -25.03
C LYS D 155 -14.26 -11.42 -23.81
N VAL D 156 -14.76 -11.79 -22.65
CA VAL D 156 -14.05 -11.55 -21.42
C VAL D 156 -12.64 -12.19 -21.51
N GLU D 157 -12.58 -13.54 -21.56
CA GLU D 157 -11.29 -14.28 -21.68
C GLU D 157 -10.34 -13.50 -22.60
N SER D 158 -10.71 -13.40 -23.85
CA SER D 158 -9.94 -12.61 -24.77
C SER D 158 -9.65 -11.15 -24.35
N LEU D 159 -10.47 -10.54 -23.49
CA LEU D 159 -10.18 -9.18 -23.03
C LEU D 159 -9.19 -9.18 -21.90
N ALA D 160 -9.36 -10.14 -21.02
CA ALA D 160 -8.40 -10.29 -19.99
C ALA D 160 -6.99 -10.50 -20.63
N MET D 161 -6.90 -11.42 -21.59
CA MET D 161 -5.59 -11.83 -22.10
C MET D 161 -4.98 -10.56 -22.61
N PHE D 162 -5.82 -9.84 -23.31
CA PHE D 162 -5.43 -8.59 -23.90
C PHE D 162 -4.78 -7.79 -22.83
N LEU D 163 -5.43 -7.70 -21.69
CA LEU D 163 -5.04 -6.72 -20.70
C LEU D 163 -3.80 -7.20 -20.04
N GLY D 164 -3.76 -8.49 -19.72
CA GLY D 164 -2.63 -9.05 -19.04
C GLY D 164 -1.41 -8.76 -19.91
N GLU D 165 -1.56 -9.11 -21.19
CA GLU D 165 -0.51 -8.91 -22.16
C GLU D 165 -0.09 -7.43 -22.26
N LEU D 166 -0.94 -6.49 -21.86
CA LEU D 166 -0.58 -5.06 -22.02
C LEU D 166 0.40 -4.56 -20.98
N SER D 167 0.26 -5.16 -19.80
CA SER D 167 1.17 -4.95 -18.68
C SER D 167 2.60 -5.34 -19.03
N LEU D 168 2.80 -6.44 -19.78
CA LEU D 168 4.18 -6.84 -20.13
C LEU D 168 4.96 -5.70 -20.67
N ILE D 169 4.27 -4.82 -21.39
CA ILE D 169 4.98 -3.81 -22.14
C ILE D 169 5.64 -2.80 -21.22
N ASP D 170 5.12 -2.57 -20.00
CA ASP D 170 5.62 -1.39 -19.25
C ASP D 170 6.08 -1.82 -17.87
N ALA D 171 7.40 -1.89 -17.71
CA ALA D 171 8.02 -2.24 -16.44
C ALA D 171 7.51 -1.31 -15.35
N ASP D 172 7.25 -0.09 -15.74
CA ASP D 172 6.65 0.86 -14.82
C ASP D 172 5.22 1.00 -15.29
N PRO D 173 4.27 0.51 -14.52
CA PRO D 173 4.50 0.06 -13.14
C PRO D 173 4.41 -1.45 -12.95
N TYR D 174 4.07 -2.20 -13.98
CA TYR D 174 3.68 -3.58 -13.73
C TYR D 174 4.72 -4.52 -13.12
N LEU D 175 6.00 -4.15 -13.18
CA LEU D 175 6.98 -4.93 -12.45
C LEU D 175 6.65 -4.97 -10.97
N LYS D 176 6.00 -3.93 -10.47
CA LYS D 176 5.82 -3.79 -9.02
C LYS D 176 5.00 -4.95 -8.51
N TYR D 177 4.16 -5.50 -9.40
CA TYR D 177 3.06 -6.39 -9.06
C TYR D 177 3.29 -7.86 -9.46
N LEU D 178 2.70 -8.77 -8.72
CA LEU D 178 2.77 -10.17 -9.06
C LEU D 178 1.82 -10.60 -10.17
N PRO D 179 2.21 -11.63 -10.92
CA PRO D 179 1.34 -12.08 -12.02
C PRO D 179 -0.10 -12.38 -11.59
N SER D 180 -0.28 -12.97 -10.40
CA SER D 180 -1.61 -13.39 -9.97
C SER D 180 -2.53 -12.19 -9.71
N VAL D 181 -1.88 -11.07 -9.42
CA VAL D 181 -2.59 -9.85 -9.08
C VAL D 181 -2.99 -9.21 -10.40
N ILE D 182 -2.03 -8.94 -11.27
CA ILE D 182 -2.39 -8.44 -12.59
C ILE D 182 -3.48 -9.38 -13.05
N ALA D 183 -3.24 -10.66 -13.03
CA ALA D 183 -4.26 -11.50 -13.66
C ALA D 183 -5.70 -11.13 -13.18
N GLY D 184 -5.83 -10.85 -11.89
CA GLY D 184 -7.13 -10.53 -11.27
C GLY D 184 -7.64 -9.19 -11.79
N ALA D 185 -6.79 -8.19 -11.73
CA ALA D 185 -7.19 -6.94 -12.28
C ALA D 185 -7.71 -7.22 -13.69
N ALA D 186 -6.88 -7.74 -14.57
CA ALA D 186 -7.32 -7.75 -15.95
C ALA D 186 -8.64 -8.55 -16.01
N PHE D 187 -8.83 -9.49 -15.09
CA PHE D 187 -10.01 -10.37 -15.16
C PHE D 187 -11.20 -9.53 -14.70
N HIS D 188 -11.12 -9.02 -13.46
CA HIS D 188 -12.14 -8.09 -13.02
C HIS D 188 -12.41 -7.20 -14.20
N LEU D 189 -11.43 -6.35 -14.52
CA LEU D 189 -11.66 -5.32 -15.52
C LEU D 189 -12.49 -5.92 -16.66
N ALA D 190 -11.93 -6.90 -17.36
CA ALA D 190 -12.60 -7.46 -18.53
C ALA D 190 -14.06 -7.83 -18.27
N LEU D 191 -14.32 -8.38 -17.09
CA LEU D 191 -15.66 -8.88 -16.79
C LEU D 191 -16.59 -7.68 -16.84
N TYR D 192 -16.24 -6.70 -16.01
CA TYR D 192 -16.96 -5.44 -15.87
C TYR D 192 -17.24 -4.87 -17.25
N THR D 193 -16.16 -4.50 -17.92
CA THR D 193 -16.29 -3.97 -19.27
C THR D 193 -17.45 -4.61 -20.00
N VAL D 194 -17.41 -5.93 -20.15
CA VAL D 194 -18.34 -6.65 -21.03
C VAL D 194 -19.68 -7.08 -20.38
N THR D 195 -19.71 -7.26 -19.06
CA THR D 195 -20.89 -7.80 -18.42
C THR D 195 -21.36 -7.00 -17.22
N GLY D 196 -20.73 -5.86 -17.00
CA GLY D 196 -20.94 -5.13 -15.76
C GLY D 196 -20.71 -5.93 -14.48
N GLN D 197 -20.36 -7.22 -14.60
CA GLN D 197 -20.14 -8.04 -13.39
C GLN D 197 -18.82 -7.72 -12.71
N SER D 198 -18.55 -8.38 -11.60
CA SER D 198 -17.33 -8.11 -10.85
C SER D 198 -16.64 -9.31 -10.21
N TRP D 199 -15.40 -9.07 -9.78
CA TRP D 199 -14.57 -10.05 -9.09
C TRP D 199 -15.33 -10.99 -8.16
N PRO D 200 -15.68 -12.16 -8.66
CA PRO D 200 -16.59 -13.02 -7.93
C PRO D 200 -16.00 -13.41 -6.60
N GLU D 201 -16.91 -13.75 -5.71
CA GLU D 201 -16.59 -14.24 -4.38
C GLU D 201 -15.93 -15.60 -4.57
N SER D 202 -16.31 -16.31 -5.62
CA SER D 202 -15.79 -17.65 -5.72
C SER D 202 -14.26 -17.59 -5.82
N LEU D 203 -13.77 -16.51 -6.40
CA LEU D 203 -12.35 -16.30 -6.49
C LEU D 203 -11.85 -15.79 -5.17
N ILE D 204 -12.61 -14.89 -4.51
CA ILE D 204 -12.07 -14.19 -3.35
C ILE D 204 -11.59 -15.29 -2.43
N ARG D 205 -12.37 -16.37 -2.41
CA ARG D 205 -12.13 -17.45 -1.48
C ARG D 205 -10.99 -18.30 -2.01
N LYS D 206 -10.73 -18.15 -3.29
CA LYS D 206 -9.76 -19.01 -3.93
C LYS D 206 -8.40 -18.39 -3.73
N THR D 207 -8.33 -17.13 -4.14
CA THR D 207 -7.09 -16.34 -4.10
C THR D 207 -6.96 -15.52 -2.86
N GLY D 208 -8.08 -15.00 -2.36
CA GLY D 208 -8.07 -14.16 -1.15
C GLY D 208 -7.68 -12.73 -1.47
N TYR D 209 -8.18 -12.29 -2.61
CA TYR D 209 -7.85 -11.00 -3.15
C TYR D 209 -9.22 -10.35 -3.23
N THR D 210 -9.29 -9.08 -2.88
CA THR D 210 -10.55 -8.34 -2.93
C THR D 210 -10.35 -7.12 -3.79
N LEU D 211 -11.44 -6.65 -4.36
CA LEU D 211 -11.35 -5.46 -5.16
C LEU D 211 -10.52 -4.49 -4.36
N GLU D 212 -10.52 -4.62 -3.04
CA GLU D 212 -9.72 -3.71 -2.27
C GLU D 212 -8.29 -3.97 -2.72
N SER D 213 -7.77 -5.13 -2.38
CA SER D 213 -6.35 -5.43 -2.58
C SER D 213 -5.96 -5.22 -4.06
N LEU D 214 -6.89 -5.50 -4.96
CA LEU D 214 -6.62 -5.34 -6.39
C LEU D 214 -6.60 -3.91 -6.89
N LYS D 215 -6.86 -2.95 -6.01
CA LYS D 215 -7.27 -1.62 -6.50
C LYS D 215 -6.12 -0.96 -7.23
N PRO D 216 -4.99 -0.85 -6.57
CA PRO D 216 -3.84 -0.19 -7.17
C PRO D 216 -3.60 -0.76 -8.61
N CYS D 217 -3.36 -2.07 -8.73
CA CYS D 217 -3.01 -2.63 -10.03
C CYS D 217 -4.20 -2.36 -10.90
N LEU D 218 -5.35 -2.49 -10.26
CA LEU D 218 -6.61 -2.32 -10.93
C LEU D 218 -6.72 -0.90 -11.43
N MET D 219 -6.12 0.05 -10.70
CA MET D 219 -6.13 1.45 -11.17
C MET D 219 -5.33 1.48 -12.43
N ASP D 220 -4.05 1.10 -12.25
CA ASP D 220 -2.97 1.35 -13.20
C ASP D 220 -3.37 0.78 -14.55
N LEU D 221 -4.03 -0.36 -14.51
CA LEU D 221 -4.42 -1.11 -15.70
C LEU D 221 -5.53 -0.40 -16.47
N HIS D 222 -6.47 0.14 -15.68
CA HIS D 222 -7.54 1.01 -16.21
C HIS D 222 -6.95 2.14 -17.02
N GLN D 223 -6.01 2.87 -16.43
CA GLN D 223 -5.28 3.88 -17.17
C GLN D 223 -4.77 3.24 -18.46
N THR D 224 -3.79 2.32 -18.33
CA THR D 224 -3.17 1.74 -19.54
C THR D 224 -4.26 1.31 -20.55
N TYR D 225 -5.35 0.71 -20.08
CA TYR D 225 -6.44 0.32 -20.99
C TYR D 225 -7.00 1.54 -21.72
N LEU D 226 -7.21 2.62 -20.96
CA LEU D 226 -7.70 3.88 -21.55
C LEU D 226 -6.71 4.44 -22.54
N LYS D 227 -5.46 4.51 -22.12
CA LYS D 227 -4.47 5.29 -22.87
C LYS D 227 -3.79 4.49 -23.99
N ALA D 228 -4.13 3.21 -24.11
CA ALA D 228 -3.47 2.32 -25.07
C ALA D 228 -3.30 3.01 -26.43
N PRO D 229 -4.39 3.39 -27.08
CA PRO D 229 -4.32 3.84 -28.48
C PRO D 229 -3.28 4.96 -28.67
N GLN D 230 -2.89 5.58 -27.57
CA GLN D 230 -1.90 6.65 -27.67
C GLN D 230 -0.50 6.04 -27.52
N HIS D 231 -0.43 4.84 -26.95
CA HIS D 231 0.85 4.17 -26.64
C HIS D 231 1.81 4.11 -27.81
N ALA D 232 3.06 4.46 -27.54
CA ALA D 232 4.08 4.38 -28.57
C ALA D 232 4.18 2.99 -29.22
N GLN D 233 3.83 1.96 -28.45
CA GLN D 233 3.91 0.59 -28.92
C GLN D 233 2.50 0.11 -29.15
N GLN D 234 2.23 -0.47 -30.33
CA GLN D 234 0.87 -0.85 -30.75
C GLN D 234 0.63 -2.34 -31.15
N SER D 235 1.67 -3.16 -31.14
CA SER D 235 1.53 -4.53 -31.66
C SER D 235 0.46 -5.32 -31.01
N ILE D 236 0.22 -5.12 -29.74
CA ILE D 236 -0.79 -5.94 -29.08
C ILE D 236 -2.22 -5.55 -29.52
N ARG D 237 -2.49 -4.25 -29.65
CA ARG D 237 -3.79 -3.77 -30.11
C ARG D 237 -4.02 -4.42 -31.47
N GLU D 238 -3.09 -4.21 -32.37
CA GLU D 238 -3.28 -4.84 -33.65
C GLU D 238 -3.66 -6.27 -33.33
N LYS D 239 -2.81 -6.98 -32.59
CA LYS D 239 -3.05 -8.39 -32.38
C LYS D 239 -4.51 -8.67 -32.04
N TYR D 240 -5.08 -7.93 -31.10
CA TYR D 240 -6.38 -8.32 -30.62
C TYR D 240 -7.51 -7.58 -31.36
N LYS D 241 -7.23 -7.32 -32.64
CA LYS D 241 -8.21 -6.90 -33.62
C LYS D 241 -8.64 -8.08 -34.47
N ASN D 242 -7.90 -9.18 -34.40
CA ASN D 242 -8.23 -10.36 -35.20
C ASN D 242 -9.39 -11.13 -34.57
N SER D 243 -10.09 -11.86 -35.42
CA SER D 243 -11.24 -12.66 -35.02
C SER D 243 -10.90 -13.61 -33.88
N LYS D 244 -9.84 -14.40 -34.07
CA LYS D 244 -9.37 -15.36 -33.08
C LYS D 244 -9.51 -14.79 -31.68
N TYR D 245 -9.34 -13.48 -31.53
CA TYR D 245 -9.54 -12.84 -30.22
C TYR D 245 -10.72 -11.90 -30.38
N HIS D 246 -11.83 -12.42 -30.89
CA HIS D 246 -13.12 -11.67 -30.90
C HIS D 246 -12.86 -10.15 -30.82
N GLY D 247 -12.00 -9.66 -31.72
CA GLY D 247 -11.73 -8.23 -31.93
C GLY D 247 -11.72 -7.35 -30.69
N VAL D 248 -11.68 -7.95 -29.51
CA VAL D 248 -11.84 -7.27 -28.22
C VAL D 248 -11.01 -6.00 -27.99
N SER D 249 -9.93 -5.84 -28.73
CA SER D 249 -9.07 -4.70 -28.49
C SER D 249 -9.86 -3.48 -28.91
N LEU D 250 -10.91 -3.71 -29.69
CA LEU D 250 -11.64 -2.64 -30.33
C LEU D 250 -12.70 -2.08 -29.40
N LEU D 251 -13.37 -2.96 -28.66
CA LEU D 251 -14.32 -2.54 -27.64
C LEU D 251 -13.74 -1.28 -27.00
N ASN D 252 -14.58 -0.50 -26.35
CA ASN D 252 -14.13 0.76 -25.77
C ASN D 252 -14.11 0.68 -24.25
N PRO D 253 -13.04 1.17 -23.66
CA PRO D 253 -12.89 1.14 -22.21
C PRO D 253 -13.97 1.96 -21.48
N PRO D 254 -14.41 1.43 -20.34
CA PRO D 254 -15.28 2.17 -19.41
C PRO D 254 -14.56 3.41 -18.87
N GLU D 255 -15.25 4.54 -18.76
CA GLU D 255 -14.59 5.79 -18.41
C GLU D 255 -14.28 5.79 -16.90
N THR D 256 -15.03 4.98 -16.15
CA THR D 256 -14.94 4.96 -14.70
C THR D 256 -15.13 3.55 -14.23
N LEU D 257 -14.57 3.26 -13.06
CA LEU D 257 -14.62 1.92 -12.51
C LEU D 257 -15.57 1.86 -11.31
N ASN D 258 -15.98 3.05 -10.84
CA ASN D 258 -16.82 3.15 -9.66
C ASN D 258 -16.24 2.28 -8.55
N LEU D 259 -15.14 2.76 -8.00
CA LEU D 259 -14.51 2.12 -6.85
C LEU D 259 -14.27 3.20 -5.80
N SER E 3 -3.69 56.52 3.34
CA SER E 3 -2.79 55.80 4.28
C SER E 3 -3.60 54.99 5.32
N ARG E 4 -3.19 53.74 5.51
CA ARG E 4 -3.75 52.90 6.56
C ARG E 4 -3.35 53.27 7.98
N HIS E 5 -2.42 54.19 8.16
CA HIS E 5 -2.01 54.62 9.49
C HIS E 5 -2.96 55.65 10.15
N LYS E 6 -4.22 55.71 9.72
CA LYS E 6 -5.14 56.72 10.22
C LYS E 6 -5.58 56.54 11.70
N LYS E 7 -5.85 57.67 12.36
CA LYS E 7 -6.69 57.70 13.52
C LYS E 7 -8.05 57.71 12.95
N LEU E 8 -8.94 56.85 13.46
CA LEU E 8 -10.30 56.88 12.99
C LEU E 8 -11.05 58.01 13.64
N MET E 9 -11.65 58.84 12.81
CA MET E 9 -12.47 59.96 13.26
C MET E 9 -13.92 59.59 13.15
N PHE E 10 -14.58 59.37 14.26
CA PHE E 10 -15.93 58.88 14.15
C PHE E 10 -16.91 60.02 14.32
N LYS E 11 -16.35 61.22 14.51
CA LYS E 11 -17.10 62.46 14.27
C LYS E 11 -18.05 62.74 15.45
#